data_3CT9
#
_entry.id   3CT9
#
_cell.length_a   51.340
_cell.length_b   67.250
_cell.length_c   107.890
_cell.angle_alpha   90.000
_cell.angle_beta   94.280
_cell.angle_gamma   90.000
#
_symmetry.space_group_name_H-M   'P 1 21 1'
#
loop_
_entity.id
_entity.type
_entity.pdbx_description
1 polymer 'Acetylornithine deacetylase'
2 non-polymer 'IODIDE ION'
3 non-polymer 'CHLORIDE ION'
4 non-polymer 1,2-ETHANEDIOL
5 non-polymer DI(HYDROXYETHYL)ETHER
6 water water
#
_entity_poly.entity_id   1
_entity_poly.type   'polypeptide(L)'
_entity_poly.pdbx_seq_one_letter_code
;G(MSE)KYDIPT(MSE)TAEAVSLLKSLISIPSISREETQAADFLQNYIEAEG(MSE)QTGRKGNNVWCLSP(MSE)FDL
KKPTILLNSHIDTVKPVNGWRKDPFTPREENGKLYGLGSNDAGASVVSLLQVFLQLCRTSQNYNLIYLASCEEEVSGKEG
IESVLPGLPPVSFAIVGEPTE(MSE)QPAIAEKGL(MSE)VLDVTATGKAGHAARDEGDNAIYKVLNDIAWFRDYRFEKE
SPLLGPVK(MSE)SVTVINAGTQHNVVPDKCTFVVDIRSNELYSNEDLFAEIRKHIACDAKARSFRLNSSRIDEKHPFVQ
KAVK(MSE)GRIPFGSPTLSDQAL(MSE)SFASVKIGPGRSSRSHTAEEYI(MSE)LKEIEEAIGIYLDLLDGLKL
;
_entity_poly.pdbx_strand_id   A,B
#
# COMPACT_ATOMS: atom_id res chain seq x y z
N TYR A 4 43.49 -43.44 -0.20
CA TYR A 4 43.55 -42.10 -0.87
C TYR A 4 44.57 -41.18 -0.23
N ASP A 5 45.15 -40.31 -1.03
CA ASP A 5 46.09 -39.33 -0.57
C ASP A 5 45.28 -38.08 -0.22
N ILE A 6 44.84 -37.98 1.03
CA ILE A 6 44.02 -36.82 1.44
C ILE A 6 44.76 -35.47 1.41
N PRO A 7 46.02 -35.39 1.91
CA PRO A 7 46.80 -34.14 1.85
C PRO A 7 47.02 -33.61 0.43
N THR A 8 47.28 -34.49 -0.53
CA THR A 8 47.46 -34.08 -1.92
C THR A 8 46.15 -33.51 -2.46
N THR A 10 43.75 -32.28 -0.80
CA THR A 10 43.49 -31.03 -0.08
C THR A 10 44.25 -29.82 -0.66
N ALA A 11 45.52 -30.02 -1.03
CA ALA A 11 46.33 -28.95 -1.63
C ALA A 11 45.76 -28.56 -3.01
N GLU A 12 45.23 -29.53 -3.74
CA GLU A 12 44.69 -29.28 -5.07
C GLU A 12 43.35 -28.55 -4.97
N ALA A 13 42.53 -28.97 -4.01
CA ALA A 13 41.26 -28.30 -3.74
C ALA A 13 41.45 -26.82 -3.31
N VAL A 14 42.42 -26.59 -2.41
CA VAL A 14 42.78 -25.25 -1.89
C VAL A 14 43.39 -24.37 -3.00
N SER A 15 44.13 -24.99 -3.91
CA SER A 15 44.73 -24.29 -5.06
C SER A 15 43.65 -23.82 -6.06
N LEU A 16 42.64 -24.66 -6.29
CA LEU A 16 41.56 -24.30 -7.20
C LEU A 16 40.68 -23.18 -6.57
N LEU A 17 40.42 -23.28 -5.26
CA LEU A 17 39.62 -22.29 -4.52
C LEU A 17 40.19 -20.88 -4.61
N LYS A 18 41.52 -20.77 -4.59
CA LYS A 18 42.20 -19.48 -4.72
C LYS A 18 41.90 -18.87 -6.10
N SER A 19 42.09 -19.68 -7.15
CA SER A 19 41.85 -19.29 -8.55
C SER A 19 40.40 -18.88 -8.79
N LEU A 20 39.46 -19.53 -8.10
CA LEU A 20 38.04 -19.19 -8.26
C LEU A 20 37.68 -17.90 -7.50
N ILE A 21 38.22 -17.72 -6.28
CA ILE A 21 37.97 -16.49 -5.48
C ILE A 21 38.38 -15.25 -6.27
N SER A 22 39.50 -15.35 -6.98
CA SER A 22 40.07 -14.24 -7.76
C SER A 22 39.22 -13.81 -8.96
N ILE A 23 38.28 -14.64 -9.36
CA ILE A 23 37.48 -14.36 -10.53
C ILE A 23 36.11 -13.90 -10.06
N PRO A 24 35.75 -12.63 -10.27
CA PRO A 24 34.41 -12.19 -9.84
C PRO A 24 33.26 -12.96 -10.54
N SER A 25 32.37 -13.56 -9.75
CA SER A 25 31.23 -14.32 -10.30
C SER A 25 29.95 -14.06 -9.53
N ILE A 26 29.53 -12.79 -9.52
CA ILE A 26 28.31 -12.36 -8.91
C ILE A 26 27.20 -13.06 -9.74
N SER A 27 26.11 -13.44 -9.06
CA SER A 27 24.98 -14.11 -9.70
C SER A 27 24.62 -13.51 -11.06
N ARG A 28 24.44 -14.38 -12.06
CA ARG A 28 24.12 -14.00 -13.48
C ARG A 28 25.31 -13.54 -14.33
N GLU A 29 26.48 -13.44 -13.71
CA GLU A 29 27.67 -12.93 -14.39
C GLU A 29 28.87 -13.82 -14.07
N GLU A 30 28.66 -15.15 -14.12
CA GLU A 30 29.66 -16.16 -13.77
C GLU A 30 30.38 -16.76 -14.99
N THR A 31 30.31 -16.13 -16.15
CA THR A 31 30.88 -16.71 -17.39
C THR A 31 32.35 -17.07 -17.30
N GLN A 32 33.16 -16.13 -16.81
CA GLN A 32 34.60 -16.32 -16.71
C GLN A 32 34.97 -17.40 -15.68
N ALA A 33 34.30 -17.42 -14.53
CA ALA A 33 34.54 -18.46 -13.53
C ALA A 33 34.16 -19.86 -14.07
N ALA A 34 33.11 -19.94 -14.88
CA ALA A 34 32.68 -21.23 -15.45
C ALA A 34 33.61 -21.66 -16.56
N ASP A 35 34.18 -20.70 -17.30
CA ASP A 35 35.17 -20.98 -18.35
C ASP A 35 36.37 -21.67 -17.68
N PHE A 36 36.92 -21.02 -16.65
CA PHE A 36 38.08 -21.54 -15.90
C PHE A 36 37.79 -22.96 -15.41
N LEU A 37 36.70 -23.12 -14.66
CA LEU A 37 36.34 -24.42 -14.09
C LEU A 37 36.16 -25.52 -15.14
N GLN A 38 35.54 -25.20 -16.28
CA GLN A 38 35.34 -26.18 -17.35
C GLN A 38 36.70 -26.67 -17.86
N ASN A 39 37.62 -25.73 -18.06
CA ASN A 39 38.95 -26.03 -18.54
C ASN A 39 39.70 -26.92 -17.57
N TYR A 40 39.57 -26.60 -16.28
CA TYR A 40 40.26 -27.36 -15.24
C TYR A 40 39.87 -28.82 -15.31
N ILE A 41 38.57 -29.08 -15.35
CA ILE A 41 38.00 -30.42 -15.37
C ILE A 41 38.38 -31.20 -16.63
N GLU A 42 38.48 -30.51 -17.77
CA GLU A 42 38.92 -31.11 -19.02
C GLU A 42 40.40 -31.51 -18.96
N ALA A 43 41.22 -30.67 -18.31
CA ALA A 43 42.66 -30.93 -18.16
C ALA A 43 42.93 -32.15 -17.26
N GLU A 44 41.97 -32.48 -16.40
CA GLU A 44 42.02 -33.66 -15.55
C GLU A 44 41.65 -34.92 -16.35
N GLY A 45 41.32 -34.73 -17.63
CA GLY A 45 40.97 -35.84 -18.51
C GLY A 45 39.53 -36.28 -18.42
N GLN A 47 35.53 -35.46 -19.76
CA GLN A 47 34.70 -34.74 -20.72
C GLN A 47 33.58 -34.02 -19.98
N THR A 48 33.49 -32.71 -20.19
CA THR A 48 32.47 -31.90 -19.52
C THR A 48 31.19 -31.69 -20.34
N GLY A 49 30.14 -31.28 -19.64
CA GLY A 49 28.90 -30.87 -20.28
C GLY A 49 28.68 -29.45 -19.80
N ARG A 50 27.92 -28.66 -20.56
CA ARG A 50 27.63 -27.29 -20.16
C ARG A 50 26.36 -26.71 -20.79
N LYS A 51 25.62 -25.96 -19.96
CA LYS A 51 24.43 -25.22 -20.36
C LYS A 51 24.45 -23.89 -19.59
N GLY A 52 24.55 -22.78 -20.32
CA GLY A 52 24.70 -21.44 -19.74
C GLY A 52 26.03 -21.42 -19.00
N ASN A 53 25.96 -21.14 -17.71
CA ASN A 53 27.13 -21.18 -16.81
C ASN A 53 27.02 -22.33 -15.81
N ASN A 54 26.29 -23.37 -16.18
CA ASN A 54 26.21 -24.59 -15.41
C ASN A 54 27.20 -25.56 -16.07
N VAL A 55 28.12 -26.13 -15.27
CA VAL A 55 29.13 -27.09 -15.74
C VAL A 55 28.97 -28.46 -15.02
N TRP A 56 28.85 -29.52 -15.81
CA TRP A 56 28.73 -30.83 -15.19
C TRP A 56 29.64 -31.86 -15.86
N CYS A 57 29.78 -33.01 -15.22
N CYS A 57 29.75 -33.01 -15.22
CA CYS A 57 30.44 -34.15 -15.87
CA CYS A 57 30.53 -34.14 -15.71
C CYS A 57 29.98 -35.46 -15.24
C CYS A 57 29.94 -35.46 -15.21
N LEU A 58 29.96 -36.49 -16.07
CA LEU A 58 29.48 -37.84 -15.75
C LEU A 58 30.59 -38.88 -15.52
N SER A 59 30.37 -39.77 -14.56
CA SER A 59 31.34 -40.84 -14.28
C SER A 59 31.49 -41.74 -15.51
N PRO A 60 32.68 -42.36 -15.66
CA PRO A 60 32.86 -43.27 -16.80
C PRO A 60 32.00 -44.54 -16.66
N PHE A 62 28.75 -45.19 -17.49
CA PHE A 62 27.54 -44.82 -16.86
C PHE A 62 26.47 -45.79 -17.32
N ASP A 63 25.78 -46.47 -16.42
CA ASP A 63 24.63 -47.22 -16.89
C ASP A 63 23.37 -47.06 -16.07
N LEU A 64 22.31 -47.00 -16.87
CA LEU A 64 20.96 -46.80 -16.42
C LEU A 64 20.38 -48.00 -15.61
N LYS A 65 21.16 -49.06 -15.41
CA LYS A 65 20.74 -50.21 -14.61
C LYS A 65 21.25 -50.08 -13.15
N LYS A 66 21.96 -48.98 -12.86
CA LYS A 66 22.50 -48.65 -11.53
C LYS A 66 21.97 -47.26 -11.15
N PRO A 67 21.83 -47.00 -9.83
CA PRO A 67 21.38 -45.72 -9.32
C PRO A 67 22.49 -44.67 -9.40
N THR A 68 22.10 -43.40 -9.47
CA THR A 68 23.03 -42.30 -9.65
C THR A 68 22.92 -41.32 -8.49
N ILE A 69 24.06 -40.89 -7.98
CA ILE A 69 24.16 -39.88 -6.95
C ILE A 69 24.67 -38.61 -7.62
N LEU A 70 24.00 -37.49 -7.36
CA LEU A 70 24.42 -36.18 -7.85
C LEU A 70 25.18 -35.44 -6.76
N LEU A 71 26.39 -34.98 -7.08
CA LEU A 71 27.15 -34.08 -6.19
C LEU A 71 27.00 -32.67 -6.76
N ASN A 72 26.50 -31.73 -5.95
CA ASN A 72 26.23 -30.36 -6.44
C ASN A 72 26.58 -29.20 -5.50
N SER A 73 27.12 -28.14 -6.08
CA SER A 73 27.27 -26.86 -5.38
C SER A 73 27.25 -25.72 -6.42
N HIS A 74 27.32 -24.46 -5.97
CA HIS A 74 27.16 -23.30 -6.87
C HIS A 74 28.42 -22.41 -7.02
N ILE A 75 28.65 -21.88 -8.22
CA ILE A 75 29.82 -21.03 -8.50
C ILE A 75 29.53 -19.53 -8.39
N ASP A 76 28.26 -19.14 -8.23
CA ASP A 76 27.97 -17.74 -8.07
C ASP A 76 28.15 -17.35 -6.61
N THR A 77 28.18 -16.05 -6.41
CA THR A 77 28.47 -15.45 -5.14
C THR A 77 27.56 -14.21 -5.05
N VAL A 78 27.36 -13.71 -3.83
CA VAL A 78 26.62 -12.46 -3.65
C VAL A 78 27.59 -11.30 -3.94
N LYS A 79 27.02 -10.10 -4.08
CA LYS A 79 27.83 -8.90 -4.29
C LYS A 79 28.71 -8.65 -3.05
N PRO A 80 29.87 -8.00 -3.23
CA PRO A 80 30.65 -7.75 -2.04
C PRO A 80 29.94 -6.83 -1.03
N VAL A 81 29.98 -7.26 0.23
CA VAL A 81 29.42 -6.56 1.40
C VAL A 81 30.33 -5.41 1.80
N PHE A 89 37.77 -9.48 -4.09
CA PHE A 89 38.16 -10.80 -4.55
C PHE A 89 39.63 -11.08 -4.95
N THR A 90 40.50 -11.05 -3.94
CA THR A 90 41.92 -11.43 -4.05
C THR A 90 42.21 -12.24 -2.76
N PRO A 91 42.43 -13.56 -2.88
CA PRO A 91 42.56 -14.43 -1.70
C PRO A 91 43.82 -14.25 -0.85
N ARG A 92 43.62 -14.03 0.45
CA ARG A 92 44.70 -13.87 1.42
C ARG A 92 44.61 -15.04 2.38
N GLU A 93 45.76 -15.48 2.91
CA GLU A 93 45.78 -16.59 3.88
C GLU A 93 46.46 -16.09 5.16
N GLU A 94 45.86 -16.36 6.31
CA GLU A 94 46.42 -15.91 7.60
C GLU A 94 45.77 -16.61 8.81
N ASN A 95 46.58 -17.29 9.61
CA ASN A 95 46.11 -17.97 10.82
C ASN A 95 45.42 -19.30 10.43
N GLY A 96 46.02 -20.02 9.46
CA GLY A 96 45.48 -21.29 8.94
C GLY A 96 44.07 -21.14 8.42
N LYS A 97 43.86 -20.08 7.63
CA LYS A 97 42.51 -19.68 7.25
C LYS A 97 42.57 -18.80 5.98
N LEU A 98 41.74 -19.15 4.99
CA LEU A 98 41.75 -18.54 3.65
C LEU A 98 40.58 -17.58 3.41
N TYR A 99 40.91 -16.31 3.20
CA TYR A 99 39.89 -15.29 3.00
C TYR A 99 39.57 -14.95 1.54
N GLY A 100 38.30 -14.59 1.30
CA GLY A 100 37.80 -14.14 -0.02
C GLY A 100 36.31 -14.38 -0.20
N LEU A 101 35.69 -13.62 -1.10
CA LEU A 101 34.27 -13.76 -1.43
C LEU A 101 33.98 -15.09 -2.14
N GLY A 102 33.09 -15.90 -1.54
CA GLY A 102 32.72 -17.22 -2.04
C GLY A 102 33.58 -18.37 -1.48
N SER A 103 34.44 -18.08 -0.50
CA SER A 103 35.28 -19.12 0.13
C SER A 103 34.47 -20.13 0.99
N ASN A 104 33.52 -19.64 1.79
CA ASN A 104 32.67 -20.44 2.69
C ASN A 104 31.41 -20.88 1.92
N ASP A 105 30.76 -19.88 1.28
CA ASP A 105 29.53 -20.06 0.51
C ASP A 105 29.69 -19.72 -1.00
N ALA A 106 30.04 -20.67 -1.87
CA ALA A 106 30.24 -22.11 -1.54
C ALA A 106 31.42 -22.77 -2.25
N GLY A 107 32.47 -22.02 -2.55
CA GLY A 107 33.67 -22.56 -3.21
C GLY A 107 34.37 -23.71 -2.49
N ALA A 108 34.25 -23.77 -1.16
CA ALA A 108 34.91 -24.82 -0.35
C ALA A 108 34.24 -26.17 -0.58
N SER A 109 32.92 -26.16 -0.79
CA SER A 109 32.18 -27.37 -1.17
C SER A 109 32.44 -27.70 -2.64
N VAL A 110 32.49 -26.66 -3.48
CA VAL A 110 32.73 -26.87 -4.91
C VAL A 110 34.02 -27.65 -5.13
N VAL A 111 35.09 -27.18 -4.49
CA VAL A 111 36.41 -27.79 -4.62
C VAL A 111 36.56 -29.14 -3.94
N SER A 112 35.93 -29.30 -2.78
CA SER A 112 35.93 -30.57 -2.06
C SER A 112 35.17 -31.66 -2.84
N LEU A 113 33.95 -31.33 -3.29
CA LEU A 113 33.12 -32.31 -4.01
C LEU A 113 33.79 -32.73 -5.33
N LEU A 114 34.45 -31.80 -6.02
CA LEU A 114 35.19 -32.14 -7.24
C LEU A 114 36.32 -33.14 -6.98
N GLN A 115 37.16 -32.91 -5.99
CA GLN A 115 38.24 -33.87 -5.65
C GLN A 115 37.66 -35.26 -5.30
N VAL A 116 36.63 -35.28 -4.45
CA VAL A 116 35.90 -36.51 -4.12
C VAL A 116 35.39 -37.25 -5.39
N PHE A 117 34.84 -36.48 -6.34
CA PHE A 117 34.33 -37.02 -7.63
C PHE A 117 35.41 -37.67 -8.47
N LEU A 118 36.54 -36.98 -8.63
CA LEU A 118 37.66 -37.49 -9.42
C LEU A 118 38.30 -38.75 -8.84
N GLN A 119 38.19 -38.94 -7.52
CA GLN A 119 38.79 -40.11 -6.86
C GLN A 119 37.86 -41.31 -6.97
N LEU A 120 36.58 -41.10 -6.67
CA LEU A 120 35.58 -42.18 -6.75
C LEU A 120 35.43 -42.73 -8.18
N CYS A 121 35.73 -41.89 -9.19
CA CYS A 121 35.65 -42.26 -10.62
C CYS A 121 36.72 -43.27 -11.07
N ARG A 122 37.72 -43.48 -10.23
CA ARG A 122 38.78 -44.42 -10.49
C ARG A 122 38.59 -45.72 -9.70
N THR A 123 37.50 -45.81 -8.97
CA THR A 123 37.15 -46.95 -8.14
C THR A 123 35.83 -47.55 -8.60
N SER A 124 35.54 -48.78 -8.18
CA SER A 124 34.29 -49.46 -8.53
C SER A 124 33.27 -49.28 -7.42
N GLN A 125 32.08 -48.80 -7.82
CA GLN A 125 30.98 -48.53 -6.91
C GLN A 125 29.64 -49.08 -7.42
N ASN A 126 28.68 -49.29 -6.50
CA ASN A 126 27.31 -49.76 -6.83
C ASN A 126 26.41 -48.68 -7.46
N TYR A 127 26.95 -47.48 -7.65
CA TYR A 127 26.24 -46.37 -8.20
C TYR A 127 27.06 -45.63 -9.28
N ASN A 128 26.36 -44.80 -10.07
CA ASN A 128 27.02 -43.91 -11.02
C ASN A 128 27.18 -42.56 -10.31
N LEU A 129 27.98 -41.67 -10.90
CA LEU A 129 28.13 -40.29 -10.41
C LEU A 129 28.00 -39.17 -11.47
N ILE A 130 27.41 -38.05 -11.04
CA ILE A 130 27.32 -36.82 -11.79
C ILE A 130 27.81 -35.72 -10.86
N TYR A 131 28.76 -34.91 -11.35
CA TYR A 131 29.22 -33.73 -10.64
C TYR A 131 28.63 -32.53 -11.37
N LEU A 132 27.94 -31.64 -10.67
CA LEU A 132 27.34 -30.43 -11.26
C LEU A 132 27.72 -29.11 -10.50
N ALA A 133 28.28 -28.15 -11.22
CA ALA A 133 28.54 -26.81 -10.68
C ALA A 133 27.52 -25.90 -11.37
N SER A 134 26.51 -25.52 -10.62
CA SER A 134 25.42 -24.68 -11.07
C SER A 134 25.67 -23.21 -10.79
N CYS A 135 24.92 -22.36 -11.47
CA CYS A 135 25.00 -20.90 -11.28
C CYS A 135 23.64 -20.28 -10.81
N GLU A 136 23.64 -18.97 -10.56
CA GLU A 136 22.42 -18.23 -10.17
C GLU A 136 21.63 -18.74 -8.93
N GLU A 137 22.34 -19.47 -8.06
CA GLU A 137 21.75 -20.04 -6.86
C GLU A 137 21.24 -18.96 -5.89
N GLU A 138 22.10 -17.99 -5.58
CA GLU A 138 21.79 -16.89 -4.63
C GLU A 138 20.55 -16.05 -4.96
N VAL A 139 20.11 -16.07 -6.22
CA VAL A 139 18.92 -15.38 -6.71
C VAL A 139 17.86 -16.37 -7.25
N SER A 140 18.06 -17.67 -7.02
CA SER A 140 17.23 -18.77 -7.55
C SER A 140 16.81 -18.50 -9.01
N GLY A 141 17.80 -18.19 -9.84
CA GLY A 141 17.55 -17.81 -11.22
C GLY A 141 17.12 -18.93 -12.15
N LYS A 142 16.40 -18.53 -13.22
CA LYS A 142 15.88 -19.47 -14.22
C LYS A 142 16.95 -20.15 -15.09
N GLU A 143 18.11 -19.52 -15.19
CA GLU A 143 19.25 -20.04 -15.98
C GLU A 143 20.21 -20.85 -15.09
N GLY A 144 19.80 -21.10 -13.85
CA GLY A 144 20.61 -21.86 -12.93
C GLY A 144 20.27 -23.36 -13.04
N ILE A 145 20.18 -24.02 -11.88
CA ILE A 145 19.95 -25.45 -11.87
C ILE A 145 18.58 -25.83 -12.47
N GLU A 146 17.60 -24.94 -12.36
CA GLU A 146 16.30 -25.23 -12.94
C GLU A 146 16.41 -25.57 -14.42
N SER A 147 17.33 -24.89 -15.12
CA SER A 147 17.50 -25.06 -16.57
C SER A 147 18.17 -26.40 -16.97
N VAL A 148 18.93 -26.98 -16.03
CA VAL A 148 19.72 -28.19 -16.30
C VAL A 148 19.10 -29.55 -15.93
N LEU A 149 18.34 -29.60 -14.83
CA LEU A 149 17.88 -30.88 -14.31
C LEU A 149 17.06 -31.77 -15.23
N PRO A 150 16.06 -31.21 -15.93
CA PRO A 150 15.27 -32.03 -16.85
C PRO A 150 16.09 -32.70 -17.97
N GLY A 151 17.32 -32.24 -18.21
CA GLY A 151 18.15 -32.76 -19.26
C GLY A 151 19.11 -33.89 -18.89
N LEU A 152 19.42 -34.01 -17.59
CA LEU A 152 20.32 -35.06 -17.10
C LEU A 152 19.59 -36.37 -16.92
N PRO A 153 20.36 -37.47 -16.82
CA PRO A 153 19.77 -38.77 -16.54
C PRO A 153 19.20 -38.83 -15.13
N PRO A 154 18.46 -39.90 -14.80
CA PRO A 154 17.83 -39.96 -13.47
C PRO A 154 18.81 -39.85 -12.26
N VAL A 155 18.35 -39.17 -11.21
CA VAL A 155 19.13 -39.00 -9.99
C VAL A 155 18.40 -39.72 -8.87
N SER A 156 19.07 -40.66 -8.22
CA SER A 156 18.50 -41.38 -7.09
C SER A 156 18.39 -40.39 -5.90
N PHE A 157 19.50 -39.69 -5.62
CA PHE A 157 19.51 -38.71 -4.56
C PHE A 157 20.71 -37.83 -4.79
N ALA A 158 20.74 -36.68 -4.15
CA ALA A 158 21.84 -35.75 -4.33
C ALA A 158 22.40 -35.30 -3.03
N ILE A 159 23.64 -34.81 -3.07
CA ILE A 159 24.30 -34.15 -1.94
C ILE A 159 24.49 -32.70 -2.41
N VAL A 160 24.06 -31.72 -1.59
CA VAL A 160 24.21 -30.30 -1.93
C VAL A 160 25.18 -29.73 -0.95
N GLY A 161 26.26 -29.18 -1.46
CA GLY A 161 27.32 -28.62 -0.64
C GLY A 161 27.14 -27.16 -0.25
N GLU A 162 26.82 -26.97 1.03
CA GLU A 162 26.67 -25.65 1.68
C GLU A 162 27.29 -25.74 3.08
N PRO A 163 27.67 -24.58 3.68
CA PRO A 163 28.27 -24.56 5.01
C PRO A 163 27.32 -25.07 6.08
N THR A 164 27.53 -26.30 6.50
CA THR A 164 26.74 -26.96 7.57
C THR A 164 27.67 -27.61 8.62
N GLU A 165 28.98 -27.32 8.56
CA GLU A 165 29.97 -27.94 9.43
C GLU A 165 29.99 -29.46 9.29
N GLN A 167 27.68 -31.49 8.97
CA GLN A 167 26.56 -32.12 9.67
C GLN A 167 25.48 -32.17 8.58
N PRO A 168 24.72 -33.28 8.54
CA PRO A 168 23.70 -33.39 7.48
C PRO A 168 22.32 -32.73 7.73
N ALA A 169 21.98 -31.77 6.88
CA ALA A 169 20.65 -31.19 6.95
C ALA A 169 19.73 -32.12 6.14
N ILE A 170 18.92 -32.90 6.85
CA ILE A 170 17.97 -33.83 6.22
C ILE A 170 16.53 -33.22 6.02
N ALA A 171 16.35 -31.96 6.39
CA ALA A 171 15.12 -31.19 6.15
C ALA A 171 15.52 -29.72 5.88
N GLU A 172 14.84 -29.08 4.93
CA GLU A 172 15.06 -27.67 4.58
C GLU A 172 13.68 -26.96 4.33
N LYS A 173 13.50 -25.75 4.86
CA LYS A 173 12.23 -25.00 4.69
C LYS A 173 12.05 -24.49 3.24
N GLY A 174 10.82 -24.24 2.81
CA GLY A 174 10.61 -23.68 1.49
C GLY A 174 10.23 -22.21 1.60
N LEU A 175 9.96 -21.57 0.45
CA LEU A 175 9.54 -20.19 0.43
C LEU A 175 8.38 -20.01 -0.55
N VAL A 177 5.69 -16.55 -1.53
CA VAL A 177 5.15 -15.19 -1.29
C VAL A 177 3.82 -15.02 -2.02
N LEU A 178 2.84 -14.55 -1.26
CA LEU A 178 1.46 -14.39 -1.74
CA LEU A 178 1.46 -14.37 -1.76
C LEU A 178 1.05 -12.92 -1.71
N ASP A 179 0.29 -12.48 -2.71
CA ASP A 179 -0.23 -11.15 -2.89
C ASP A 179 -1.74 -11.34 -2.88
N VAL A 180 -2.43 -10.75 -1.90
CA VAL A 180 -3.89 -10.87 -1.76
C VAL A 180 -4.44 -9.48 -2.04
N THR A 181 -5.51 -9.42 -2.84
CA THR A 181 -6.16 -8.16 -3.18
C THR A 181 -7.64 -8.23 -2.86
N ALA A 182 -8.14 -7.29 -2.03
CA ALA A 182 -9.61 -7.11 -1.81
C ALA A 182 -10.08 -6.06 -2.81
N THR A 183 -11.26 -6.25 -3.37
CA THR A 183 -11.87 -5.34 -4.34
C THR A 183 -13.19 -4.82 -3.74
N GLY A 184 -13.40 -3.50 -3.78
CA GLY A 184 -14.62 -2.86 -3.29
C GLY A 184 -15.19 -1.94 -4.35
N LYS A 185 -15.68 -0.78 -3.92
CA LYS A 185 -16.28 0.20 -4.82
C LYS A 185 -16.04 1.61 -4.23
N ALA A 186 -15.64 2.55 -5.10
CA ALA A 186 -15.37 3.93 -4.69
C ALA A 186 -16.67 4.63 -4.36
N GLY A 187 -16.56 5.82 -3.80
CA GLY A 187 -17.72 6.65 -3.43
C GLY A 187 -17.33 7.71 -2.42
N HIS A 188 -18.27 8.59 -2.10
CA HIS A 188 -18.05 9.67 -1.13
C HIS A 188 -18.19 9.15 0.30
N ALA A 189 -17.22 9.47 1.14
CA ALA A 189 -17.17 8.98 2.52
C ALA A 189 -18.27 9.53 3.44
N ALA A 190 -18.76 10.75 3.19
CA ALA A 190 -19.83 11.35 4.01
C ALA A 190 -21.22 10.91 3.55
N ARG A 191 -21.30 10.13 2.47
CA ARG A 191 -22.59 9.70 1.96
C ARG A 191 -22.72 8.19 2.13
N ASP A 192 -23.89 7.64 1.78
CA ASP A 192 -24.12 6.20 1.92
C ASP A 192 -23.71 5.61 0.57
N GLU A 193 -22.42 5.40 0.42
CA GLU A 193 -21.84 5.01 -0.84
C GLU A 193 -20.62 4.13 -0.71
N GLY A 194 -20.36 3.40 -1.79
CA GLY A 194 -19.18 2.55 -1.90
C GLY A 194 -19.14 1.30 -1.07
N ASP A 195 -18.01 0.59 -1.20
CA ASP A 195 -17.72 -0.68 -0.55
C ASP A 195 -16.26 -0.59 -0.15
N ASN A 196 -15.98 -0.56 1.15
CA ASN A 196 -14.63 -0.30 1.69
C ASN A 196 -13.76 -1.57 1.65
N ALA A 197 -12.77 -1.57 0.73
CA ALA A 197 -11.85 -2.69 0.53
C ALA A 197 -10.94 -2.98 1.71
N ILE A 198 -10.71 -1.99 2.59
CA ILE A 198 -9.83 -2.17 3.77
C ILE A 198 -10.54 -3.03 4.81
N TYR A 199 -11.80 -2.72 5.09
CA TYR A 199 -12.62 -3.52 6.03
C TYR A 199 -12.69 -5.02 5.61
N LYS A 200 -12.58 -5.30 4.31
CA LYS A 200 -12.65 -6.67 3.79
C LYS A 200 -11.51 -7.61 4.19
N VAL A 201 -10.35 -7.05 4.50
CA VAL A 201 -9.21 -7.84 4.74
C VAL A 201 -8.91 -8.10 6.22
N LEU A 202 -9.72 -7.53 7.12
CA LEU A 202 -9.40 -7.55 8.58
C LEU A 202 -9.40 -8.96 9.19
N ASN A 203 -10.46 -9.74 8.88
CA ASN A 203 -10.58 -11.13 9.31
C ASN A 203 -9.53 -12.03 8.67
N ASP A 204 -9.18 -11.79 7.40
CA ASP A 204 -8.12 -12.52 6.69
C ASP A 204 -6.75 -12.40 7.35
N ILE A 205 -6.37 -11.16 7.72
CA ILE A 205 -5.06 -10.85 8.31
C ILE A 205 -4.95 -11.55 9.68
N ALA A 206 -6.02 -11.48 10.49
CA ALA A 206 -6.07 -12.22 11.76
C ALA A 206 -5.91 -13.72 11.51
N TRP A 207 -6.51 -14.22 10.44
CA TRP A 207 -6.41 -15.66 10.10
C TRP A 207 -4.98 -16.09 9.77
N PHE A 208 -4.29 -15.31 8.97
CA PHE A 208 -2.90 -15.62 8.63
C PHE A 208 -1.99 -15.61 9.87
N ARG A 209 -2.25 -14.73 10.83
CA ARG A 209 -1.43 -14.73 12.03
C ARG A 209 -1.80 -15.83 13.03
N ASP A 210 -3.08 -16.24 13.11
CA ASP A 210 -3.52 -17.27 14.08
C ASP A 210 -3.59 -18.74 13.61
N TYR A 211 -3.73 -18.98 12.33
CA TYR A 211 -3.83 -20.36 11.88
C TYR A 211 -2.52 -21.15 12.07
N ARG A 212 -2.68 -22.41 12.47
CA ARG A 212 -1.58 -23.32 12.64
C ARG A 212 -1.87 -24.56 11.81
N PHE A 213 -0.98 -24.87 10.85
CA PHE A 213 -1.11 -26.10 10.08
C PHE A 213 -0.97 -27.31 11.00
N GLU A 214 -1.78 -28.32 10.72
CA GLU A 214 -1.85 -29.54 11.53
C GLU A 214 -0.53 -30.32 11.70
N LYS A 215 0.25 -30.41 10.63
CA LYS A 215 1.48 -31.18 10.67
C LYS A 215 2.74 -30.37 11.09
N GLU A 216 3.26 -30.74 12.27
CA GLU A 216 4.49 -30.16 12.77
C GLU A 216 5.65 -31.14 12.64
N SER A 217 6.80 -30.59 12.31
CA SER A 217 8.02 -31.33 12.13
C SER A 217 8.88 -31.26 13.38
N PRO A 218 9.48 -32.38 13.77
CA PRO A 218 10.44 -32.29 14.88
C PRO A 218 11.75 -31.53 14.50
N LEU A 219 12.06 -31.47 13.21
CA LEU A 219 13.30 -30.87 12.72
C LEU A 219 13.20 -29.39 12.39
N LEU A 220 12.03 -28.96 11.90
CA LEU A 220 11.76 -27.56 11.51
C LEU A 220 10.62 -26.85 12.21
N GLY A 221 9.87 -27.57 13.03
CA GLY A 221 8.73 -26.95 13.73
C GLY A 221 7.63 -26.70 12.72
N PRO A 222 6.69 -25.80 13.05
CA PRO A 222 5.55 -25.58 12.16
C PRO A 222 5.72 -24.60 11.00
N VAL A 223 4.83 -24.74 10.02
CA VAL A 223 4.71 -23.75 8.93
C VAL A 223 4.57 -22.34 9.57
N LYS A 224 5.33 -21.36 9.06
CA LYS A 224 5.27 -19.98 9.52
C LYS A 224 4.65 -19.10 8.43
N SER A 226 3.31 -14.81 7.92
CA SER A 226 3.38 -13.42 8.40
C SER A 226 2.85 -12.47 7.35
N VAL A 227 2.02 -11.48 7.74
CA VAL A 227 1.53 -10.42 6.85
C VAL A 227 2.46 -9.25 7.15
N THR A 228 3.27 -8.87 6.14
CA THR A 228 4.34 -7.89 6.24
C THR A 228 4.25 -6.59 5.47
N VAL A 229 3.29 -6.45 4.55
CA VAL A 229 3.09 -5.23 3.77
C VAL A 229 1.60 -5.03 3.56
N ILE A 230 1.12 -3.79 3.76
CA ILE A 230 -0.26 -3.42 3.45
C ILE A 230 -0.34 -2.04 2.79
N ASN A 231 -1.24 -1.88 1.82
CA ASN A 231 -1.45 -0.61 1.13
C ASN A 231 -2.89 -0.44 0.57
N ALA A 232 -3.51 0.71 0.84
CA ALA A 232 -4.80 1.09 0.19
C ALA A 232 -5.11 2.58 0.32
N GLY A 233 -5.91 3.08 -0.62
CA GLY A 233 -6.42 4.45 -0.58
C GLY A 233 -5.50 5.54 -1.06
N THR A 234 -6.08 6.69 -1.32
CA THR A 234 -5.34 7.81 -1.85
C THR A 234 -5.70 9.13 -1.12
N GLN A 235 -7.00 9.44 -1.04
CA GLN A 235 -7.51 10.63 -0.38
C GLN A 235 -8.53 10.20 0.64
N HIS A 236 -8.65 11.01 1.69
CA HIS A 236 -9.48 10.66 2.84
C HIS A 236 -10.98 10.54 2.62
N ASN A 237 -11.50 11.31 1.67
CA ASN A 237 -12.92 11.40 1.37
C ASN A 237 -13.45 10.38 0.33
N VAL A 238 -12.56 9.53 -0.18
CA VAL A 238 -12.92 8.52 -1.16
C VAL A 238 -12.80 7.11 -0.53
N VAL A 239 -13.92 6.38 -0.54
CA VAL A 239 -13.92 4.99 -0.10
C VAL A 239 -12.93 4.19 -0.97
N PRO A 240 -12.03 3.42 -0.33
CA PRO A 240 -11.06 2.66 -1.08
C PRO A 240 -11.68 1.41 -1.75
N ASP A 241 -11.36 1.24 -3.03
CA ASP A 241 -11.89 0.16 -3.84
C ASP A 241 -10.89 -0.98 -4.05
N LYS A 242 -9.68 -0.81 -3.54
CA LYS A 242 -8.64 -1.83 -3.60
C LYS A 242 -7.82 -1.77 -2.31
N CYS A 243 -7.39 -2.93 -1.80
CA CYS A 243 -6.46 -3.03 -0.69
C CYS A 243 -5.66 -4.31 -0.89
N THR A 244 -4.33 -4.17 -1.09
CA THR A 244 -3.44 -5.30 -1.27
C THR A 244 -2.47 -5.50 -0.07
N PHE A 245 -2.29 -6.73 0.32
CA PHE A 245 -1.31 -7.06 1.33
C PHE A 245 -0.47 -8.26 0.89
N VAL A 246 0.67 -8.43 1.57
CA VAL A 246 1.67 -9.48 1.28
C VAL A 246 1.89 -10.43 2.46
N VAL A 247 1.95 -11.74 2.10
CA VAL A 247 2.17 -12.82 3.05
C VAL A 247 3.43 -13.61 2.67
N ASP A 248 4.34 -13.68 3.64
CA ASP A 248 5.58 -14.43 3.60
C ASP A 248 5.27 -15.74 4.34
N ILE A 249 5.47 -16.87 3.65
CA ILE A 249 5.11 -18.20 4.14
C ILE A 249 6.33 -19.12 3.98
N ARG A 250 6.75 -19.72 5.09
CA ARG A 250 7.84 -20.68 5.09
C ARG A 250 7.39 -22.06 5.61
N SER A 251 7.31 -23.02 4.67
CA SER A 251 6.83 -24.35 5.01
C SER A 251 7.86 -25.23 5.67
N ASN A 252 7.38 -26.24 6.37
CA ASN A 252 8.25 -27.27 6.88
C ASN A 252 8.23 -28.37 5.76
N GLU A 253 8.95 -29.47 5.98
CA GLU A 253 9.10 -30.53 4.97
C GLU A 253 7.92 -31.49 4.79
N LEU A 254 6.81 -31.19 5.46
CA LEU A 254 5.64 -32.05 5.45
C LEU A 254 4.55 -31.55 4.47
N TYR A 255 4.86 -30.50 3.71
CA TYR A 255 3.93 -29.87 2.74
C TYR A 255 4.65 -29.33 1.51
N SER A 256 4.09 -29.50 0.30
CA SER A 256 4.56 -28.73 -0.88
C SER A 256 3.92 -27.31 -0.78
N ASN A 257 4.40 -26.30 -1.53
CA ASN A 257 3.76 -24.94 -1.45
C ASN A 257 2.35 -24.97 -2.02
N GLU A 258 2.08 -25.85 -2.96
CA GLU A 258 0.70 -26.01 -3.50
C GLU A 258 -0.22 -26.57 -2.45
N ASP A 259 0.30 -27.42 -1.53
CA ASP A 259 -0.55 -27.98 -0.44
C ASP A 259 -0.98 -26.83 0.47
N LEU A 260 -0.05 -25.92 0.75
CA LEU A 260 -0.33 -24.76 1.58
C LEU A 260 -1.36 -23.82 0.92
N PHE A 261 -1.20 -23.54 -0.38
CA PHE A 261 -2.08 -22.69 -1.15
C PHE A 261 -3.52 -23.23 -1.21
N ALA A 262 -3.69 -24.53 -1.45
CA ALA A 262 -5.03 -25.12 -1.47
C ALA A 262 -5.77 -24.93 -0.12
N GLU A 263 -5.09 -25.14 1.01
CA GLU A 263 -5.72 -24.88 2.33
C GLU A 263 -6.02 -23.39 2.53
N ILE A 264 -5.06 -22.51 2.24
CA ILE A 264 -5.27 -21.07 2.36
C ILE A 264 -6.53 -20.63 1.59
N ARG A 265 -6.73 -21.16 0.38
CA ARG A 265 -7.85 -20.74 -0.50
C ARG A 265 -9.22 -21.21 0.00
N LYS A 266 -9.23 -22.22 0.84
CA LYS A 266 -10.47 -22.63 1.46
C LYS A 266 -10.92 -21.61 2.50
N HIS A 267 -10.00 -20.80 3.03
CA HIS A 267 -10.36 -19.86 4.10
C HIS A 267 -10.43 -18.37 3.69
N ILE A 268 -9.73 -17.99 2.63
CA ILE A 268 -9.64 -16.60 2.17
C ILE A 268 -10.39 -16.45 0.85
N ALA A 269 -11.43 -15.61 0.81
CA ALA A 269 -12.26 -15.44 -0.42
C ALA A 269 -11.62 -14.48 -1.45
N CYS A 270 -10.95 -13.46 -0.93
CA CYS A 270 -10.26 -12.47 -1.72
C CYS A 270 -9.26 -13.13 -2.69
N ASP A 271 -9.15 -12.61 -3.90
CA ASP A 271 -8.18 -13.08 -4.90
C ASP A 271 -6.79 -13.13 -4.29
N ALA A 272 -6.18 -14.31 -4.26
CA ALA A 272 -4.83 -14.50 -3.72
C ALA A 272 -4.00 -15.21 -4.78
N LYS A 273 -2.80 -14.70 -5.03
CA LYS A 273 -1.96 -15.25 -6.04
C LYS A 273 -0.50 -15.40 -5.55
N ALA A 274 0.07 -16.58 -5.73
CA ALA A 274 1.46 -16.84 -5.36
C ALA A 274 2.38 -16.30 -6.45
N ARG A 275 3.53 -15.74 -6.06
CA ARG A 275 4.53 -15.30 -7.05
C ARG A 275 5.15 -16.55 -7.77
N SER A 276 5.26 -17.66 -7.06
CA SER A 276 5.58 -18.97 -7.64
C SER A 276 5.45 -20.00 -6.55
N PHE A 277 5.33 -21.26 -6.97
CA PHE A 277 5.29 -22.40 -6.06
C PHE A 277 6.62 -23.17 -6.00
N ARG A 278 7.54 -22.89 -6.93
CA ARG A 278 8.71 -23.73 -7.15
C ARG A 278 9.80 -23.92 -6.07
N LEU A 279 9.86 -23.04 -5.08
CA LEU A 279 10.86 -23.11 -4.00
C LEU A 279 10.26 -23.90 -2.80
N ASN A 280 10.02 -25.18 -3.04
CA ASN A 280 9.42 -26.05 -2.04
C ASN A 280 10.41 -26.49 -0.94
N SER A 281 9.87 -26.98 0.17
CA SER A 281 10.67 -27.56 1.21
C SER A 281 11.30 -28.87 0.67
N SER A 282 12.36 -29.34 1.34
CA SER A 282 13.05 -30.55 0.98
C SER A 282 13.17 -31.47 2.17
N ARG A 283 13.41 -32.73 1.86
CA ARG A 283 13.53 -33.80 2.84
C ARG A 283 14.35 -35.03 2.35
N ILE A 284 15.02 -35.74 3.29
CA ILE A 284 15.62 -37.09 3.01
C ILE A 284 15.27 -37.94 4.24
N ASP A 285 14.70 -39.13 4.00
CA ASP A 285 14.23 -40.02 5.09
C ASP A 285 15.37 -40.46 5.97
N GLU A 286 15.10 -40.60 7.27
CA GLU A 286 16.09 -40.99 8.26
C GLU A 286 16.64 -42.38 8.01
N LYS A 287 15.84 -43.26 7.42
CA LYS A 287 16.32 -44.59 7.12
C LYS A 287 17.04 -44.72 5.76
N HIS A 288 17.25 -43.63 5.03
CA HIS A 288 18.02 -43.67 3.80
C HIS A 288 19.40 -44.15 4.22
N PRO A 289 20.06 -45.01 3.41
CA PRO A 289 21.42 -45.53 3.74
C PRO A 289 22.52 -44.48 4.03
N PHE A 290 22.58 -43.42 3.25
CA PHE A 290 23.51 -42.31 3.48
C PHE A 290 23.33 -41.74 4.88
N VAL A 291 22.07 -41.48 5.24
CA VAL A 291 21.73 -40.89 6.55
C VAL A 291 22.17 -41.85 7.63
N GLN A 292 21.83 -43.13 7.49
CA GLN A 292 22.21 -44.15 8.48
C GLN A 292 23.73 -44.25 8.65
N LYS A 293 24.47 -44.10 7.54
CA LYS A 293 25.94 -44.15 7.60
C LYS A 293 26.46 -42.95 8.42
N ALA A 294 25.96 -41.75 8.09
CA ALA A 294 26.32 -40.51 8.80
C ALA A 294 26.08 -40.69 10.29
N VAL A 295 24.86 -41.07 10.65
CA VAL A 295 24.55 -41.29 12.07
C VAL A 295 25.52 -42.29 12.67
N LYS A 296 25.87 -43.35 11.94
CA LYS A 296 26.82 -44.36 12.44
C LYS A 296 28.20 -43.77 12.70
N GLY A 298 28.75 -40.84 13.89
CA GLY A 298 28.65 -39.80 14.92
C GLY A 298 28.17 -38.43 14.42
N ARG A 299 27.76 -38.36 13.16
CA ARG A 299 27.19 -37.12 12.61
C ARG A 299 25.76 -36.97 13.15
N ILE A 300 25.31 -35.72 13.34
CA ILE A 300 23.97 -35.41 13.93
C ILE A 300 23.07 -34.69 12.93
N PRO A 301 22.05 -35.40 12.38
CA PRO A 301 21.18 -34.74 11.40
C PRO A 301 20.32 -33.63 12.00
N PHE A 302 20.05 -32.61 11.20
CA PHE A 302 19.26 -31.47 11.66
C PHE A 302 18.43 -30.90 10.47
N GLY A 303 17.56 -29.94 10.78
CA GLY A 303 16.75 -29.25 9.77
C GLY A 303 17.26 -27.83 9.55
N SER A 304 17.44 -27.42 8.30
CA SER A 304 17.97 -26.06 7.97
C SER A 304 16.87 -25.08 7.58
N PRO A 305 16.89 -23.86 8.17
CA PRO A 305 15.95 -22.82 7.75
C PRO A 305 16.38 -22.05 6.49
N THR A 306 17.54 -22.35 5.92
CA THR A 306 18.14 -21.62 4.77
C THR A 306 17.97 -22.31 3.41
N LEU A 307 17.35 -21.57 2.48
CA LEU A 307 17.13 -21.98 1.10
C LEU A 307 18.42 -22.28 0.34
N SER A 308 18.39 -23.32 -0.49
CA SER A 308 19.49 -23.67 -1.38
C SER A 308 18.94 -24.29 -2.68
N ASP A 309 19.83 -24.72 -3.57
CA ASP A 309 19.40 -25.38 -4.82
C ASP A 309 18.59 -26.64 -4.58
N GLN A 310 18.57 -27.17 -3.34
CA GLN A 310 17.71 -28.30 -2.99
C GLN A 310 16.24 -28.00 -3.30
N ALA A 311 15.84 -26.75 -3.07
CA ALA A 311 14.47 -26.27 -3.27
C ALA A 311 13.94 -26.48 -4.72
N LEU A 312 14.84 -26.55 -5.71
CA LEU A 312 14.44 -26.80 -7.09
C LEU A 312 14.60 -28.29 -7.53
N SER A 314 13.24 -32.22 -7.17
CA SER A 314 12.07 -32.96 -6.71
C SER A 314 12.46 -34.30 -6.11
N PHE A 315 13.67 -34.74 -6.40
CA PHE A 315 14.20 -36.02 -5.87
C PHE A 315 14.82 -35.77 -4.48
N ALA A 316 14.98 -36.84 -3.69
CA ALA A 316 15.56 -36.81 -2.32
C ALA A 316 16.95 -36.15 -2.29
N SER A 317 17.24 -35.37 -1.26
CA SER A 317 18.57 -34.74 -1.16
C SER A 317 18.97 -34.49 0.29
N VAL A 318 20.26 -34.26 0.50
CA VAL A 318 20.87 -34.02 1.81
C VAL A 318 21.81 -32.82 1.58
N LYS A 319 21.79 -31.86 2.50
CA LYS A 319 22.65 -30.68 2.42
C LYS A 319 23.77 -30.86 3.44
N ILE A 320 25.01 -30.96 2.96
CA ILE A 320 26.17 -31.21 3.82
C ILE A 320 27.47 -30.70 3.17
N GLY A 321 28.12 -29.72 3.81
CA GLY A 321 29.39 -29.18 3.31
C GLY A 321 30.22 -28.52 4.41
N PRO A 322 31.50 -28.19 4.08
CA PRO A 322 32.47 -27.53 4.98
C PRO A 322 32.15 -26.05 5.25
N GLY A 323 32.50 -25.60 6.45
CA GLY A 323 32.31 -24.21 6.86
C GLY A 323 31.13 -23.98 7.80
N ARG A 324 30.93 -22.73 8.20
CA ARG A 324 29.72 -22.40 8.97
C ARG A 324 28.87 -21.27 8.40
N SER A 325 27.56 -21.52 8.35
CA SER A 325 26.59 -20.58 7.78
C SER A 325 26.69 -19.14 8.36
N SER A 326 27.16 -19.01 9.60
CA SER A 326 27.34 -17.66 10.20
C SER A 326 28.30 -16.80 9.37
N ARG A 327 29.14 -17.45 8.56
CA ARG A 327 30.19 -16.76 7.79
C ARG A 327 29.73 -16.24 6.44
N SER A 328 28.73 -16.93 5.87
CA SER A 328 28.20 -16.59 4.55
C SER A 328 27.66 -15.19 4.49
N HIS A 329 27.82 -14.55 3.33
CA HIS A 329 27.30 -13.21 3.07
C HIS A 329 27.89 -12.14 4.00
N THR A 330 29.03 -12.41 4.64
CA THR A 330 29.60 -11.49 5.64
C THR A 330 30.94 -10.90 5.21
N ALA A 331 31.27 -9.73 5.77
CA ALA A 331 32.52 -9.07 5.50
C ALA A 331 33.64 -9.96 6.02
N GLU A 332 34.67 -10.12 5.19
CA GLU A 332 35.84 -10.93 5.51
C GLU A 332 35.52 -12.44 5.55
N GLU A 333 34.81 -12.93 4.52
CA GLU A 333 34.50 -14.37 4.41
C GLU A 333 35.73 -15.21 4.45
N TYR A 334 35.65 -16.33 5.17
CA TYR A 334 36.77 -17.28 5.23
C TYR A 334 36.34 -18.73 5.36
N ILE A 335 37.34 -19.59 5.22
CA ILE A 335 37.18 -21.03 5.31
C ILE A 335 38.46 -21.51 5.97
N LEU A 337 41.41 -24.07 6.42
CA LEU A 337 42.03 -25.11 5.58
C LEU A 337 41.73 -26.51 6.14
N LYS A 338 41.71 -26.61 7.46
CA LYS A 338 41.45 -27.86 8.16
C LYS A 338 40.01 -28.37 7.82
N GLU A 339 39.12 -27.43 7.49
CA GLU A 339 37.74 -27.74 7.11
C GLU A 339 37.59 -28.39 5.74
N ILE A 340 38.44 -28.02 4.78
CA ILE A 340 38.47 -28.64 3.45
C ILE A 340 39.03 -30.07 3.62
N GLU A 341 40.14 -30.18 4.35
CA GLU A 341 40.76 -31.47 4.62
C GLU A 341 39.79 -32.44 5.29
N GLU A 342 39.13 -32.01 6.34
CA GLU A 342 38.14 -32.85 7.04
C GLU A 342 36.98 -33.23 6.13
N ALA A 343 36.47 -32.27 5.36
CA ALA A 343 35.34 -32.51 4.45
C ALA A 343 35.61 -33.69 3.51
N ILE A 344 36.71 -33.61 2.76
CA ILE A 344 37.17 -34.65 1.83
C ILE A 344 37.14 -36.07 2.45
N GLY A 345 37.74 -36.22 3.63
CA GLY A 345 37.73 -37.50 4.34
C GLY A 345 36.35 -37.99 4.80
N ILE A 346 35.50 -37.08 5.25
CA ILE A 346 34.13 -37.42 5.66
C ILE A 346 33.25 -37.84 4.45
N TYR A 347 33.34 -37.07 3.36
CA TYR A 347 32.67 -37.40 2.09
C TYR A 347 33.06 -38.79 1.55
N LEU A 348 34.35 -39.12 1.61
CA LEU A 348 34.85 -40.43 1.13
C LEU A 348 34.44 -41.61 2.05
N ASP A 349 34.38 -41.40 3.37
CA ASP A 349 33.89 -42.45 4.31
C ASP A 349 32.39 -42.71 4.12
N LEU A 350 31.69 -41.69 3.65
CA LEU A 350 30.27 -41.79 3.46
C LEU A 350 29.92 -42.50 2.16
N LEU A 351 30.56 -42.05 1.08
CA LEU A 351 30.28 -42.54 -0.25
C LEU A 351 30.98 -43.85 -0.64
N ASP A 352 32.18 -44.07 -0.14
CA ASP A 352 32.96 -45.27 -0.55
C ASP A 352 32.42 -46.57 0.05
N GLY A 353 31.86 -47.40 -0.84
CA GLY A 353 31.22 -48.66 -0.50
C GLY A 353 29.73 -48.52 -0.16
N LEU A 354 29.13 -47.37 -0.42
CA LEU A 354 27.71 -47.16 -0.09
C LEU A 354 26.78 -48.01 -0.97
N LYS A 355 25.98 -48.87 -0.34
CA LYS A 355 25.05 -49.74 -1.05
C LYS A 355 23.73 -48.97 -1.21
N LEU A 356 23.60 -48.31 -2.35
CA LEU A 356 22.44 -47.47 -2.64
C LEU A 356 21.20 -48.27 -3.11
N TYR B 4 -41.29 42.91 -8.99
CA TYR B 4 -39.83 42.75 -9.34
C TYR B 4 -39.65 42.17 -10.73
N ASP B 5 -38.68 42.69 -11.48
CA ASP B 5 -38.43 42.28 -12.86
C ASP B 5 -37.54 41.03 -12.95
N ILE B 6 -38.14 39.85 -12.68
CA ILE B 6 -37.43 38.55 -12.72
C ILE B 6 -36.75 38.21 -14.07
N PRO B 7 -37.46 38.34 -15.21
CA PRO B 7 -36.81 38.06 -16.51
C PRO B 7 -35.54 38.88 -16.82
N THR B 8 -35.50 40.13 -16.38
CA THR B 8 -34.31 40.99 -16.59
C THR B 8 -33.16 40.66 -15.63
N THR B 10 -32.80 37.60 -14.32
CA THR B 10 -32.38 36.29 -14.85
C THR B 10 -31.45 36.46 -16.10
N ALA B 11 -31.84 37.30 -17.05
CA ALA B 11 -31.01 37.52 -18.24
C ALA B 11 -29.63 38.10 -17.88
N GLU B 12 -29.56 38.94 -16.84
CA GLU B 12 -28.29 39.54 -16.40
C GLU B 12 -27.42 38.59 -15.59
N ALA B 13 -28.06 37.76 -14.78
CA ALA B 13 -27.41 36.72 -13.96
C ALA B 13 -26.69 35.69 -14.87
N VAL B 14 -27.42 35.24 -15.89
CA VAL B 14 -26.92 34.34 -16.94
C VAL B 14 -25.73 34.92 -17.73
N SER B 15 -25.72 36.21 -18.06
CA SER B 15 -24.58 36.77 -18.83
C SER B 15 -23.35 36.88 -17.96
N LEU B 16 -23.53 37.32 -16.71
CA LEU B 16 -22.41 37.37 -15.76
C LEU B 16 -21.82 35.99 -15.50
N LEU B 17 -22.65 34.93 -15.53
CA LEU B 17 -22.15 33.56 -15.29
C LEU B 17 -21.35 33.04 -16.48
N LYS B 18 -21.72 33.43 -17.70
CA LYS B 18 -20.97 33.02 -18.88
C LYS B 18 -19.55 33.62 -18.76
N SER B 19 -19.48 34.89 -18.37
CA SER B 19 -18.18 35.54 -18.14
C SER B 19 -17.39 34.78 -17.07
N LEU B 20 -18.04 34.45 -15.96
CA LEU B 20 -17.35 33.75 -14.90
C LEU B 20 -16.81 32.36 -15.34
N ILE B 21 -17.64 31.56 -16.00
CA ILE B 21 -17.21 30.24 -16.51
C ILE B 21 -15.98 30.33 -17.42
N SER B 22 -15.88 31.42 -18.19
CA SER B 22 -14.79 31.64 -19.13
C SER B 22 -13.47 32.00 -18.47
N ILE B 23 -13.51 32.35 -17.18
CA ILE B 23 -12.31 32.72 -16.42
C ILE B 23 -11.88 31.59 -15.49
N PRO B 24 -10.73 30.93 -15.74
CA PRO B 24 -10.29 29.87 -14.83
C PRO B 24 -10.19 30.39 -13.39
N SER B 25 -10.81 29.67 -12.46
CA SER B 25 -10.78 30.08 -11.05
C SER B 25 -10.74 28.90 -10.11
N ILE B 26 -9.70 28.07 -10.27
CA ILE B 26 -9.45 26.91 -9.43
C ILE B 26 -8.97 27.42 -8.07
N SER B 27 -9.21 26.65 -7.02
CA SER B 27 -8.84 27.05 -5.64
C SER B 27 -7.42 27.59 -5.49
N ARG B 28 -7.32 28.81 -4.95
CA ARG B 28 -6.05 29.55 -4.78
C ARG B 28 -5.54 30.29 -6.05
N GLU B 29 -6.15 30.06 -7.22
CA GLU B 29 -5.74 30.71 -8.48
C GLU B 29 -6.95 31.46 -9.06
N GLU B 30 -7.64 32.17 -8.15
CA GLU B 30 -8.92 32.86 -8.37
C GLU B 30 -8.81 34.43 -8.56
N THR B 31 -7.57 34.91 -8.69
CA THR B 31 -7.31 36.36 -8.78
C THR B 31 -8.04 37.09 -9.94
N GLN B 32 -7.99 36.50 -11.13
CA GLN B 32 -8.58 37.12 -12.34
C GLN B 32 -10.11 37.10 -12.29
N ALA B 33 -10.70 36.05 -11.74
CA ALA B 33 -12.17 35.95 -11.60
C ALA B 33 -12.66 36.99 -10.58
N ALA B 34 -11.92 37.14 -9.49
CA ALA B 34 -12.19 38.14 -8.43
C ALA B 34 -12.08 39.58 -8.96
N ASP B 35 -11.15 39.80 -9.91
CA ASP B 35 -10.98 41.10 -10.55
C ASP B 35 -12.26 41.41 -11.33
N PHE B 36 -12.65 40.50 -12.21
CA PHE B 36 -13.86 40.65 -13.03
C PHE B 36 -15.11 40.87 -12.17
N LEU B 37 -15.22 40.14 -11.05
CA LEU B 37 -16.37 40.30 -10.13
C LEU B 37 -16.40 41.69 -9.49
N GLN B 38 -15.29 42.09 -8.88
CA GLN B 38 -15.17 43.39 -8.20
C GLN B 38 -15.48 44.51 -9.18
N ASN B 39 -14.82 44.48 -10.34
CA ASN B 39 -15.02 45.50 -11.39
C ASN B 39 -16.46 45.52 -11.93
N TYR B 40 -17.13 44.36 -11.89
CA TYR B 40 -18.55 44.28 -12.29
C TYR B 40 -19.47 44.95 -11.27
N ILE B 41 -19.22 44.73 -9.99
CA ILE B 41 -20.05 45.32 -8.94
C ILE B 41 -19.86 46.84 -8.90
N GLU B 42 -18.60 47.25 -8.92
CA GLU B 42 -18.23 48.66 -8.91
C GLU B 42 -19.01 49.46 -9.95
N ALA B 43 -19.26 48.82 -11.09
CA ALA B 43 -20.01 49.43 -12.20
C ALA B 43 -21.52 49.54 -11.91
N GLU B 44 -21.98 49.02 -10.76
CA GLU B 44 -23.39 49.11 -10.34
C GLU B 44 -23.57 50.21 -9.30
N GLY B 45 -22.60 51.12 -9.17
CA GLY B 45 -22.65 52.20 -8.19
C GLY B 45 -22.39 51.78 -6.75
N GLN B 47 -19.86 50.49 -3.64
CA GLN B 47 -18.48 50.50 -3.18
C GLN B 47 -18.15 49.14 -2.52
N THR B 48 -17.16 48.45 -3.05
CA THR B 48 -16.82 47.11 -2.55
C THR B 48 -15.80 47.11 -1.40
N GLY B 49 -15.48 45.91 -0.93
CA GLY B 49 -14.43 45.68 0.05
C GLY B 49 -13.70 44.43 -0.41
N ARG B 50 -12.41 44.31 -0.12
CA ARG B 50 -11.69 43.11 -0.57
C ARG B 50 -10.51 42.72 0.33
N LYS B 51 -10.27 41.41 0.35
CA LYS B 51 -9.18 40.79 1.07
C LYS B 51 -8.87 39.46 0.36
N GLY B 52 -7.72 39.42 -0.30
CA GLY B 52 -7.32 38.25 -1.09
C GLY B 52 -8.24 38.23 -2.30
N ASN B 53 -8.87 37.08 -2.54
CA ASN B 53 -9.86 36.96 -3.63
C ASN B 53 -11.28 36.86 -3.07
N ASN B 54 -11.48 37.48 -1.91
CA ASN B 54 -12.78 37.54 -1.21
C ASN B 54 -13.28 38.96 -1.42
N VAL B 55 -14.45 39.12 -2.04
CA VAL B 55 -15.02 40.45 -2.32
C VAL B 55 -16.37 40.62 -1.58
N TRP B 56 -16.59 41.80 -0.99
CA TRP B 56 -17.86 42.07 -0.29
C TRP B 56 -18.43 43.46 -0.59
N CYS B 57 -19.64 43.68 -0.08
CA CYS B 57 -20.39 44.90 -0.34
C CYS B 57 -21.48 45.06 0.74
N LEU B 58 -21.36 46.12 1.54
CA LEU B 58 -22.30 46.40 2.61
C LEU B 58 -23.46 47.23 2.07
N SER B 59 -24.63 47.09 2.67
CA SER B 59 -25.80 47.88 2.26
C SER B 59 -25.71 49.34 2.76
N PRO B 60 -26.45 50.27 2.12
CA PRO B 60 -26.38 51.65 2.64
C PRO B 60 -27.20 51.89 3.93
N PHE B 62 -26.33 51.36 7.38
CA PHE B 62 -26.36 50.23 8.30
C PHE B 62 -26.29 50.41 9.83
N ASP B 63 -26.33 49.25 10.49
CA ASP B 63 -26.12 49.06 11.95
C ASP B 63 -27.07 49.70 12.96
N LYS B 66 -29.33 47.90 13.25
CA LYS B 66 -30.25 46.87 12.78
C LYS B 66 -29.53 45.55 12.53
N PRO B 67 -30.24 44.41 12.71
CA PRO B 67 -29.71 43.07 12.41
C PRO B 67 -29.13 43.03 11.02
N THR B 68 -28.15 42.15 10.80
CA THR B 68 -27.51 42.03 9.48
C THR B 68 -27.59 40.60 8.95
N ILE B 69 -27.99 40.47 7.68
CA ILE B 69 -28.07 39.19 7.01
C ILE B 69 -26.94 39.11 5.97
N LEU B 70 -26.17 38.04 5.99
CA LEU B 70 -25.07 37.84 5.04
C LEU B 70 -25.52 36.95 3.87
N LEU B 71 -25.26 37.42 2.65
CA LEU B 71 -25.56 36.63 1.47
C LEU B 71 -24.20 36.17 0.92
N ASN B 72 -23.99 34.85 0.86
CA ASN B 72 -22.68 34.29 0.54
C ASN B 72 -22.68 33.03 -0.35
N SER B 73 -21.64 32.96 -1.20
CA SER B 73 -21.31 31.81 -2.05
C SER B 73 -19.80 31.93 -2.43
N HIS B 74 -19.25 30.93 -3.11
CA HIS B 74 -17.82 30.89 -3.44
C HIS B 74 -17.56 30.99 -4.94
N ILE B 75 -16.46 31.65 -5.31
CA ILE B 75 -16.09 31.81 -6.73
C ILE B 75 -15.00 30.81 -7.19
N ASP B 76 -14.44 30.05 -6.29
CA ASP B 76 -13.45 29.05 -6.71
C ASP B 76 -14.15 27.80 -7.22
N THR B 77 -13.42 27.11 -8.07
CA THR B 77 -13.88 25.93 -8.74
C THR B 77 -12.93 24.78 -8.43
N VAL B 78 -13.41 23.57 -8.67
CA VAL B 78 -12.62 22.35 -8.58
C VAL B 78 -11.90 22.18 -9.93
N LYS B 79 -10.80 21.44 -9.91
CA LYS B 79 -10.06 21.17 -11.14
C LYS B 79 -10.90 20.36 -12.12
N PRO B 80 -10.74 20.59 -13.43
CA PRO B 80 -11.51 19.82 -14.40
C PRO B 80 -11.28 18.30 -14.38
N VAL B 81 -12.39 17.56 -14.46
CA VAL B 81 -12.45 16.09 -14.57
C VAL B 81 -12.73 15.47 -13.22
N LYS B 86 -15.83 16.84 -25.69
CA LYS B 86 -16.40 17.56 -24.56
C LYS B 86 -16.29 19.07 -24.77
N ASP B 87 -15.65 19.74 -23.80
CA ASP B 87 -15.46 21.18 -23.84
C ASP B 87 -14.51 21.62 -22.72
N PRO B 88 -13.81 22.75 -22.90
CA PRO B 88 -12.90 23.20 -21.83
C PRO B 88 -13.71 23.90 -20.71
N PHE B 89 -13.62 25.23 -20.69
CA PHE B 89 -14.47 26.10 -19.90
C PHE B 89 -14.83 27.25 -20.86
N THR B 90 -15.55 26.83 -21.88
CA THR B 90 -16.14 27.72 -22.85
C THR B 90 -17.61 27.42 -22.56
N PRO B 91 -18.42 28.44 -22.24
CA PRO B 91 -19.82 28.17 -21.99
C PRO B 91 -20.55 27.68 -23.22
N ARG B 92 -21.54 26.82 -23.04
CA ARG B 92 -22.36 26.32 -24.15
C ARG B 92 -23.80 26.16 -23.67
N GLU B 93 -24.76 26.57 -24.51
CA GLU B 93 -26.18 26.45 -24.21
C GLU B 93 -26.85 25.40 -25.11
N GLU B 94 -27.61 24.48 -24.50
CA GLU B 94 -28.27 23.41 -25.25
C GLU B 94 -29.68 23.09 -24.72
N ASN B 95 -30.69 23.57 -25.44
CA ASN B 95 -32.11 23.39 -25.09
C ASN B 95 -32.38 23.64 -23.60
N GLY B 96 -31.96 24.81 -23.14
CA GLY B 96 -32.17 25.26 -21.76
C GLY B 96 -31.07 25.03 -20.74
N LYS B 97 -29.96 24.42 -21.17
CA LYS B 97 -28.84 24.07 -20.26
C LYS B 97 -27.55 24.87 -20.54
N LEU B 98 -26.98 25.48 -19.50
CA LEU B 98 -25.72 26.23 -19.61
C LEU B 98 -24.56 25.40 -19.02
N TYR B 99 -23.73 24.85 -19.93
CA TYR B 99 -22.59 24.00 -19.55
C TYR B 99 -21.37 24.83 -19.20
N GLY B 100 -20.65 24.39 -18.17
CA GLY B 100 -19.41 25.03 -17.77
C GLY B 100 -18.95 24.59 -16.39
N LEU B 101 -17.62 24.48 -16.23
CA LEU B 101 -17.03 24.17 -14.94
C LEU B 101 -17.40 25.33 -14.00
N GLY B 102 -17.97 24.98 -12.84
CA GLY B 102 -18.40 25.96 -11.83
C GLY B 102 -19.78 26.61 -12.04
N SER B 103 -20.56 26.09 -12.99
CA SER B 103 -21.88 26.63 -13.31
C SER B 103 -22.94 26.24 -12.28
N ASN B 104 -22.82 25.02 -11.77
CA ASN B 104 -23.72 24.46 -10.76
C ASN B 104 -23.13 24.68 -9.34
N ASP B 105 -21.81 24.43 -9.20
CA ASP B 105 -21.09 24.55 -7.92
C ASP B 105 -19.94 25.56 -7.96
N ALA B 106 -20.17 26.80 -7.55
CA ALA B 106 -21.46 27.30 -7.08
C ALA B 106 -21.84 28.62 -7.83
N GLY B 107 -21.42 28.74 -9.07
CA GLY B 107 -21.66 29.95 -9.87
C GLY B 107 -23.09 30.44 -9.96
N ALA B 108 -24.02 29.51 -10.19
CA ALA B 108 -25.45 29.80 -10.23
C ALA B 108 -25.95 30.52 -8.98
N SER B 109 -25.44 30.09 -7.82
CA SER B 109 -25.72 30.74 -6.55
C SER B 109 -25.05 32.13 -6.48
N VAL B 110 -23.84 32.29 -7.01
CA VAL B 110 -23.14 33.59 -6.93
C VAL B 110 -23.90 34.68 -7.69
N VAL B 111 -24.35 34.35 -8.90
CA VAL B 111 -25.08 35.31 -9.75
C VAL B 111 -26.51 35.60 -9.29
N SER B 112 -27.15 34.64 -8.62
CA SER B 112 -28.53 34.83 -8.13
C SER B 112 -28.55 35.74 -6.92
N LEU B 113 -27.69 35.45 -5.96
CA LEU B 113 -27.63 36.22 -4.72
C LEU B 113 -27.26 37.70 -4.95
N LEU B 114 -26.32 37.95 -5.87
CA LEU B 114 -25.95 39.34 -6.25
C LEU B 114 -27.14 40.08 -6.87
N GLN B 115 -27.83 39.47 -7.85
CA GLN B 115 -29.03 40.09 -8.41
C GLN B 115 -30.07 40.39 -7.31
N VAL B 116 -30.23 39.47 -6.36
CA VAL B 116 -31.15 39.64 -5.24
C VAL B 116 -30.63 40.74 -4.30
N PHE B 117 -29.34 40.72 -4.00
CA PHE B 117 -28.73 41.78 -3.18
C PHE B 117 -28.98 43.17 -3.80
N LEU B 118 -28.73 43.29 -5.10
CA LEU B 118 -28.87 44.59 -5.77
C LEU B 118 -30.30 45.13 -5.78
N GLN B 119 -31.26 44.23 -6.05
CA GLN B 119 -32.68 44.58 -6.04
C GLN B 119 -33.15 44.98 -4.64
N LEU B 120 -32.72 44.24 -3.62
CA LEU B 120 -33.16 44.51 -2.25
C LEU B 120 -32.57 45.80 -1.67
N CYS B 121 -31.46 46.27 -2.26
CA CYS B 121 -30.83 47.52 -1.83
C CYS B 121 -31.64 48.76 -2.21
N ARG B 122 -32.71 48.54 -2.99
CA ARG B 122 -33.61 49.61 -3.42
C ARG B 122 -34.99 49.50 -2.72
N THR B 123 -35.05 48.65 -1.70
CA THR B 123 -36.25 48.42 -0.90
C THR B 123 -35.98 48.73 0.57
N SER B 124 -37.06 48.91 1.33
CA SER B 124 -36.99 49.24 2.73
C SER B 124 -37.20 47.96 3.53
N GLN B 125 -36.14 47.51 4.21
CA GLN B 125 -36.14 46.28 5.01
C GLN B 125 -35.77 46.51 6.47
N ASN B 126 -36.10 45.54 7.33
CA ASN B 126 -35.82 45.64 8.78
C ASN B 126 -34.39 45.16 9.19
N TYR B 127 -33.56 44.84 8.21
CA TYR B 127 -32.18 44.33 8.41
C TYR B 127 -31.16 44.98 7.45
N ASN B 128 -29.87 44.95 7.82
CA ASN B 128 -28.81 45.42 6.93
C ASN B 128 -28.42 44.21 6.08
N LEU B 129 -27.77 44.43 4.94
CA LEU B 129 -27.45 43.33 4.05
C LEU B 129 -25.99 43.40 3.57
N ILE B 130 -25.28 42.26 3.65
CA ILE B 130 -23.91 42.12 3.18
C ILE B 130 -23.82 41.03 2.11
N TYR B 131 -23.18 41.30 0.97
CA TYR B 131 -22.94 40.30 -0.08
C TYR B 131 -21.50 39.86 0.05
N LEU B 132 -21.21 38.55 -0.02
CA LEU B 132 -19.83 38.07 0.02
C LEU B 132 -19.54 36.95 -0.98
N ALA B 133 -18.59 37.21 -1.89
CA ALA B 133 -18.12 36.19 -2.81
C ALA B 133 -16.76 35.66 -2.29
N SER B 134 -16.81 34.61 -1.48
CA SER B 134 -15.58 34.04 -0.85
C SER B 134 -14.73 33.18 -1.82
N CYS B 135 -13.53 32.80 -1.41
CA CYS B 135 -12.67 31.92 -2.23
C CYS B 135 -12.10 30.73 -1.42
N GLU B 136 -11.43 29.82 -2.11
CA GLU B 136 -10.81 28.62 -1.50
C GLU B 136 -11.79 27.73 -0.71
N GLU B 137 -13.07 27.75 -1.09
CA GLU B 137 -14.05 26.92 -0.41
C GLU B 137 -13.75 25.43 -0.67
N GLU B 138 -13.37 25.10 -1.90
CA GLU B 138 -13.18 23.73 -2.31
C GLU B 138 -12.06 22.98 -1.62
N VAL B 139 -11.06 23.71 -1.14
CA VAL B 139 -9.93 23.13 -0.41
C VAL B 139 -9.95 23.50 1.09
N SER B 140 -11.02 24.19 1.53
CA SER B 140 -11.19 24.67 2.91
C SER B 140 -10.00 25.55 3.28
N GLY B 141 -9.61 26.45 2.36
CA GLY B 141 -8.41 27.27 2.55
C GLY B 141 -8.40 28.40 3.58
N LYS B 142 -7.26 28.56 4.25
CA LYS B 142 -7.02 29.59 5.28
C LYS B 142 -7.21 31.05 4.85
N GLU B 143 -7.03 31.35 3.55
CA GLU B 143 -7.24 32.71 3.04
C GLU B 143 -8.64 32.88 2.41
N GLY B 144 -9.56 32.00 2.76
CA GLY B 144 -10.94 32.09 2.30
C GLY B 144 -11.78 32.92 3.25
N ILE B 145 -12.99 32.44 3.50
CA ILE B 145 -13.98 33.12 4.35
C ILE B 145 -13.49 33.43 5.79
N GLU B 146 -12.71 32.50 6.35
CA GLU B 146 -12.14 32.57 7.69
C GLU B 146 -11.31 33.84 7.96
N SER B 147 -10.66 34.34 6.91
CA SER B 147 -9.86 35.59 6.96
C SER B 147 -10.70 36.89 6.92
N VAL B 148 -11.94 36.80 6.49
CA VAL B 148 -12.82 37.98 6.33
C VAL B 148 -13.81 38.21 7.50
N LEU B 149 -14.37 37.14 8.08
CA LEU B 149 -15.37 37.34 9.14
C LEU B 149 -14.97 38.28 10.29
N PRO B 150 -13.74 38.15 10.84
CA PRO B 150 -13.32 39.02 11.94
C PRO B 150 -13.32 40.55 11.68
N GLY B 151 -13.34 40.98 10.41
CA GLY B 151 -13.36 42.38 10.02
C GLY B 151 -14.76 42.94 9.74
N LEU B 152 -15.62 42.13 9.15
CA LEU B 152 -17.00 42.51 8.92
C LEU B 152 -17.75 42.78 10.22
N PRO B 153 -18.81 43.63 10.16
CA PRO B 153 -19.69 43.81 11.32
C PRO B 153 -20.40 42.49 11.73
N PRO B 154 -20.95 42.44 12.95
CA PRO B 154 -21.53 41.19 13.46
C PRO B 154 -22.68 40.62 12.64
N VAL B 155 -22.60 39.36 12.24
CA VAL B 155 -23.65 38.73 11.44
C VAL B 155 -24.70 38.04 12.32
N SER B 156 -25.96 38.42 12.12
CA SER B 156 -27.08 37.84 12.85
C SER B 156 -27.56 36.50 12.25
N PHE B 157 -27.59 36.45 10.91
CA PHE B 157 -28.04 35.30 10.16
C PHE B 157 -27.34 35.27 8.78
N ALA B 158 -27.13 34.07 8.21
CA ALA B 158 -26.52 33.96 6.89
C ALA B 158 -27.20 32.94 5.98
N ILE B 159 -27.21 33.24 4.68
CA ILE B 159 -27.63 32.30 3.64
C ILE B 159 -26.36 31.87 2.88
N VAL B 160 -26.10 30.56 2.79
CA VAL B 160 -24.97 30.02 1.99
C VAL B 160 -25.51 29.37 0.70
N GLY B 161 -25.12 29.95 -0.44
CA GLY B 161 -25.52 29.45 -1.74
C GLY B 161 -24.77 28.25 -2.29
N GLU B 162 -25.35 27.06 -2.17
CA GLU B 162 -24.79 25.83 -2.76
C GLU B 162 -25.96 25.10 -3.39
N PRO B 163 -25.72 24.21 -4.37
CA PRO B 163 -26.84 23.50 -5.01
C PRO B 163 -27.68 22.56 -4.10
N THR B 164 -28.90 22.96 -3.79
CA THR B 164 -29.85 22.18 -2.97
C THR B 164 -31.27 22.13 -3.60
N GLU B 165 -31.35 22.39 -4.91
CA GLU B 165 -32.60 22.52 -5.62
C GLU B 165 -33.55 23.48 -4.90
N GLN B 167 -33.89 23.95 -1.72
CA GLN B 167 -34.44 23.42 -0.47
C GLN B 167 -33.53 23.88 0.68
N PRO B 168 -34.14 24.25 1.82
CA PRO B 168 -33.34 24.71 2.95
C PRO B 168 -32.62 23.59 3.74
N ALA B 169 -31.28 23.55 3.64
CA ALA B 169 -30.49 22.61 4.45
C ALA B 169 -30.35 23.25 5.82
N ILE B 170 -31.05 22.73 6.83
CA ILE B 170 -30.98 23.29 8.19
C ILE B 170 -30.01 22.55 9.14
N ALA B 171 -29.27 21.59 8.61
CA ALA B 171 -28.22 20.90 9.39
C ALA B 171 -27.21 20.44 8.36
N GLU B 172 -25.93 20.46 8.74
CA GLU B 172 -24.81 20.09 7.87
C GLU B 172 -23.74 19.38 8.70
N LYS B 173 -23.24 18.24 8.19
CA LYS B 173 -22.16 17.46 8.85
C LYS B 173 -20.82 18.23 8.79
N GLY B 174 -19.98 18.06 9.80
CA GLY B 174 -18.66 18.66 9.80
C GLY B 174 -17.65 17.68 9.26
N LEU B 175 -16.39 18.11 9.28
CA LEU B 175 -15.24 17.29 8.82
C LEU B 175 -14.06 17.42 9.77
N VAL B 177 -10.22 15.06 9.98
CA VAL B 177 -9.37 13.97 9.48
C VAL B 177 -8.34 13.66 10.58
N LEU B 178 -8.25 12.39 10.94
CA LEU B 178 -7.40 11.90 12.02
C LEU B 178 -6.30 10.96 11.48
N ASP B 179 -5.04 11.29 11.73
CA ASP B 179 -3.88 10.46 11.38
C ASP B 179 -3.47 9.60 12.62
N VAL B 180 -3.59 8.27 12.51
CA VAL B 180 -3.27 7.33 13.58
C VAL B 180 -2.02 6.54 13.16
N THR B 181 -1.07 6.38 14.09
CA THR B 181 0.20 5.66 13.84
C THR B 181 0.46 4.60 14.92
N ALA B 182 0.65 3.35 14.49
CA ALA B 182 1.01 2.23 15.34
C ALA B 182 2.51 2.02 15.19
N THR B 183 3.21 1.99 16.32
CA THR B 183 4.64 1.76 16.41
C THR B 183 4.87 0.33 16.89
N GLY B 184 5.55 -0.46 16.05
CA GLY B 184 5.99 -1.81 16.39
C GLY B 184 7.49 -1.88 16.60
N LYS B 185 8.08 -3.01 16.25
CA LYS B 185 9.50 -3.26 16.39
C LYS B 185 10.04 -4.04 15.17
N ALA B 186 11.22 -3.66 14.73
CA ALA B 186 11.92 -4.27 13.61
C ALA B 186 12.33 -5.73 13.84
N GLY B 187 12.49 -6.47 12.75
CA GLY B 187 12.94 -7.87 12.77
C GLY B 187 12.99 -8.58 11.41
N HIS B 188 13.38 -9.85 11.47
CA HIS B 188 13.43 -10.74 10.32
C HIS B 188 12.10 -11.50 10.34
N ALA B 189 11.38 -11.48 9.23
CA ALA B 189 10.08 -12.12 9.12
C ALA B 189 10.18 -13.65 9.20
N ALA B 190 11.32 -14.20 8.79
CA ALA B 190 11.53 -15.63 8.84
C ALA B 190 12.00 -16.11 10.25
N ARG B 191 12.11 -15.21 11.21
CA ARG B 191 12.58 -15.59 12.54
C ARG B 191 11.54 -15.21 13.55
N ASP B 192 11.80 -15.52 14.82
CA ASP B 192 10.90 -15.19 15.93
C ASP B 192 11.39 -13.87 16.54
N GLU B 193 11.07 -12.78 15.85
CA GLU B 193 11.56 -11.44 16.19
C GLU B 193 10.55 -10.37 15.81
N GLY B 194 10.56 -9.24 16.51
CA GLY B 194 9.76 -8.07 16.16
C GLY B 194 8.39 -7.91 16.78
N ASP B 195 7.78 -6.76 16.51
CA ASP B 195 6.41 -6.49 16.89
C ASP B 195 5.73 -5.96 15.65
N ASN B 196 4.77 -6.73 15.13
CA ASN B 196 4.07 -6.39 13.87
C ASN B 196 3.06 -5.24 14.06
N ALA B 197 3.37 -4.08 13.46
CA ALA B 197 2.52 -2.85 13.53
C ALA B 197 1.16 -2.98 12.78
N ILE B 198 1.07 -3.95 11.88
CA ILE B 198 -0.15 -4.22 11.13
C ILE B 198 -1.13 -4.91 12.10
N TYR B 199 -0.67 -5.94 12.82
CA TYR B 199 -1.55 -6.64 13.75
C TYR B 199 -2.12 -5.65 14.79
N LYS B 200 -1.29 -4.74 15.28
CA LYS B 200 -1.68 -3.75 16.28
C LYS B 200 -2.88 -2.87 15.95
N VAL B 201 -3.17 -2.64 14.66
CA VAL B 201 -4.25 -1.74 14.28
C VAL B 201 -5.58 -2.42 13.85
N LEU B 202 -5.66 -3.75 13.89
CA LEU B 202 -6.85 -4.47 13.41
C LEU B 202 -8.14 -4.23 14.22
N ASN B 203 -8.00 -4.16 15.55
CA ASN B 203 -9.13 -3.91 16.47
C ASN B 203 -9.51 -2.45 16.47
N ASP B 204 -8.50 -1.61 16.33
CA ASP B 204 -8.70 -0.17 16.21
C ASP B 204 -9.59 0.13 15.00
N ILE B 205 -9.30 -0.52 13.87
CA ILE B 205 -10.03 -0.27 12.63
C ILE B 205 -11.48 -0.74 12.74
N ALA B 206 -11.68 -1.92 13.32
CA ALA B 206 -13.04 -2.43 13.55
C ALA B 206 -13.81 -1.47 14.48
N TRP B 207 -13.14 -0.91 15.50
CA TRP B 207 -13.80 0.05 16.42
C TRP B 207 -14.25 1.32 15.65
N PHE B 208 -13.38 1.83 14.78
CA PHE B 208 -13.75 2.96 13.95
C PHE B 208 -15.01 2.74 13.07
N ARG B 209 -15.10 1.55 12.51
CA ARG B 209 -16.25 1.15 11.69
C ARG B 209 -17.57 0.89 12.47
N ASP B 210 -17.44 0.30 13.67
CA ASP B 210 -18.61 -0.16 14.47
C ASP B 210 -19.12 0.73 15.63
N TYR B 211 -18.30 1.66 16.11
CA TYR B 211 -18.70 2.51 17.25
C TYR B 211 -19.79 3.49 16.88
N ARG B 212 -20.83 3.59 17.70
CA ARG B 212 -21.91 4.55 17.50
C ARG B 212 -21.96 5.54 18.66
N PHE B 213 -21.74 6.81 18.38
CA PHE B 213 -21.90 7.86 19.38
C PHE B 213 -23.38 7.90 19.78
N GLU B 214 -23.62 8.13 21.07
CA GLU B 214 -24.97 8.11 21.65
C GLU B 214 -26.03 8.98 21.02
N LYS B 215 -25.68 10.22 20.77
CA LYS B 215 -26.63 11.22 20.26
C LYS B 215 -26.74 11.12 18.74
N GLU B 216 -27.96 10.86 18.29
CA GLU B 216 -28.30 10.63 16.90
C GLU B 216 -29.27 11.74 16.50
N SER B 217 -29.09 12.28 15.29
CA SER B 217 -29.91 13.38 14.80
C SER B 217 -31.07 12.96 13.90
N PRO B 218 -32.25 13.57 14.09
CA PRO B 218 -33.32 13.25 13.11
C PRO B 218 -32.94 13.60 11.65
N LEU B 219 -32.10 14.64 11.46
CA LEU B 219 -31.70 15.09 10.12
C LEU B 219 -30.41 14.50 9.58
N LEU B 220 -29.39 14.31 10.42
CA LEU B 220 -28.13 13.75 9.93
C LEU B 220 -27.85 12.33 10.41
N GLY B 221 -28.78 11.68 11.11
CA GLY B 221 -28.47 10.35 11.64
C GLY B 221 -27.27 10.40 12.60
N PRO B 222 -26.53 9.29 12.72
CA PRO B 222 -25.39 9.20 13.64
C PRO B 222 -24.10 9.79 13.09
N VAL B 223 -23.14 10.08 13.99
CA VAL B 223 -21.78 10.46 13.62
C VAL B 223 -21.22 9.30 12.77
N LYS B 224 -20.53 9.66 11.70
CA LYS B 224 -19.96 8.70 10.75
C LYS B 224 -18.45 8.79 10.80
N SER B 226 -14.95 6.73 8.95
CA SER B 226 -14.53 5.89 7.83
C SER B 226 -13.02 5.82 7.71
N VAL B 227 -12.46 4.60 7.77
CA VAL B 227 -11.02 4.37 7.58
C VAL B 227 -10.85 4.18 6.07
N THR B 228 -10.16 5.13 5.44
CA THR B 228 -10.08 5.20 3.99
C THR B 228 -8.68 5.12 3.34
N VAL B 229 -7.63 5.20 4.16
CA VAL B 229 -6.24 5.05 3.70
C VAL B 229 -5.45 4.24 4.74
N ILE B 230 -4.64 3.30 4.26
CA ILE B 230 -3.73 2.54 5.14
C ILE B 230 -2.38 2.24 4.43
N ASN B 231 -1.29 2.24 5.20
CA ASN B 231 0.08 1.94 4.73
C ASN B 231 1.04 1.33 5.73
N ALA B 232 1.77 0.31 5.33
CA ALA B 232 2.77 -0.32 6.18
C ALA B 232 3.68 -1.24 5.39
N GLY B 233 4.92 -1.35 5.84
CA GLY B 233 5.88 -2.31 5.26
C GLY B 233 6.60 -1.89 4.00
N THR B 234 7.60 -2.67 3.62
CA THR B 234 8.43 -2.36 2.47
C THR B 234 8.61 -3.60 1.58
N GLN B 235 9.22 -4.64 2.13
CA GLN B 235 9.43 -5.86 1.40
C GLN B 235 8.95 -7.02 2.27
N HIS B 236 8.75 -8.17 1.63
CA HIS B 236 8.07 -9.29 2.24
C HIS B 236 8.75 -9.97 3.43
N ASN B 237 10.07 -9.93 3.50
CA ASN B 237 10.78 -10.58 4.61
C ASN B 237 11.18 -9.63 5.75
N VAL B 238 10.63 -8.42 5.76
CA VAL B 238 10.93 -7.39 6.77
C VAL B 238 9.64 -7.21 7.64
N VAL B 239 9.79 -7.36 8.96
CA VAL B 239 8.70 -7.13 9.92
C VAL B 239 8.26 -5.68 9.80
N PRO B 240 6.94 -5.42 9.66
CA PRO B 240 6.51 -4.00 9.56
C PRO B 240 6.45 -3.28 10.94
N ASP B 241 7.44 -2.40 11.11
CA ASP B 241 7.68 -1.50 12.26
C ASP B 241 6.64 -0.49 12.59
N LYS B 242 6.08 0.06 11.52
CA LYS B 242 5.16 1.16 11.63
C LYS B 242 4.00 1.00 10.66
N CYS B 243 2.83 1.44 11.13
CA CYS B 243 1.62 1.42 10.32
C CYS B 243 0.84 2.73 10.57
N THR B 244 0.41 3.38 9.51
CA THR B 244 -0.36 4.60 9.58
C THR B 244 -1.72 4.42 8.84
N PHE B 245 -2.79 4.94 9.40
CA PHE B 245 -4.09 4.97 8.72
C PHE B 245 -4.75 6.35 8.92
N VAL B 246 -5.72 6.65 8.05
CA VAL B 246 -6.42 7.92 8.04
C VAL B 246 -7.91 7.62 8.23
N VAL B 247 -8.53 8.36 9.16
CA VAL B 247 -9.95 8.28 9.40
C VAL B 247 -10.59 9.62 9.03
N ASP B 248 -11.65 9.54 8.24
CA ASP B 248 -12.46 10.66 7.79
C ASP B 248 -13.71 10.59 8.70
N ILE B 249 -13.90 11.66 9.49
CA ILE B 249 -14.94 11.77 10.51
C ILE B 249 -15.92 12.92 10.18
N ARG B 250 -17.21 12.61 10.23
CA ARG B 250 -18.28 13.50 9.86
C ARG B 250 -19.31 13.69 11.02
N SER B 251 -19.09 14.71 11.86
CA SER B 251 -20.02 14.94 12.96
C SER B 251 -21.45 15.31 12.50
N ASN B 252 -22.41 15.06 13.40
CA ASN B 252 -23.77 15.50 13.21
C ASN B 252 -23.83 16.82 13.96
N GLU B 253 -24.95 17.53 13.91
CA GLU B 253 -25.07 18.84 14.60
C GLU B 253 -25.11 18.79 16.16
N LEU B 254 -25.07 17.58 16.75
CA LEU B 254 -25.15 17.35 18.22
C LEU B 254 -23.80 17.20 18.88
N TYR B 255 -22.71 17.31 18.10
CA TYR B 255 -21.35 17.19 18.64
C TYR B 255 -20.36 18.16 17.97
N SER B 256 -19.36 18.63 18.74
CA SER B 256 -18.23 19.39 18.16
C SER B 256 -17.13 18.37 17.79
N ASN B 257 -16.18 18.78 16.95
CA ASN B 257 -15.05 17.94 16.57
C ASN B 257 -14.23 17.62 17.81
N GLU B 258 -14.18 18.58 18.72
CA GLU B 258 -13.48 18.43 19.98
C GLU B 258 -14.08 17.35 20.87
N ASP B 259 -15.43 17.27 20.93
CA ASP B 259 -16.12 16.23 21.72
C ASP B 259 -15.79 14.87 21.16
N LEU B 260 -15.75 14.74 19.83
CA LEU B 260 -15.46 13.43 19.19
C LEU B 260 -14.01 12.95 19.46
N PHE B 261 -13.02 13.81 19.21
CA PHE B 261 -11.61 13.52 19.47
C PHE B 261 -11.35 13.09 20.91
N ALA B 262 -11.96 13.77 21.87
CA ALA B 262 -11.73 13.38 23.27
C ALA B 262 -12.24 11.94 23.56
N GLU B 263 -13.37 11.58 22.97
CA GLU B 263 -14.01 10.27 23.17
C GLU B 263 -13.12 9.21 22.53
N ILE B 264 -12.73 9.45 21.29
CA ILE B 264 -11.86 8.55 20.51
C ILE B 264 -10.54 8.25 21.20
N ARG B 265 -9.92 9.25 21.83
CA ARG B 265 -8.64 9.08 22.55
C ARG B 265 -8.76 8.18 23.79
N LYS B 266 -9.96 8.01 24.31
CA LYS B 266 -10.21 7.08 25.42
C LYS B 266 -10.33 5.62 24.97
N HIS B 267 -10.52 5.35 23.69
CA HIS B 267 -10.68 3.96 23.22
C HIS B 267 -9.53 3.45 22.38
N ILE B 268 -8.75 4.37 21.82
CA ILE B 268 -7.64 4.04 20.93
C ILE B 268 -6.33 4.34 21.64
N ALA B 269 -5.48 3.32 21.83
CA ALA B 269 -4.18 3.50 22.52
C ALA B 269 -3.12 4.16 21.61
N CYS B 270 -3.12 3.81 20.33
CA CYS B 270 -2.12 4.35 19.38
C CYS B 270 -2.27 5.85 19.18
N ASP B 271 -1.11 6.48 19.04
CA ASP B 271 -1.06 7.94 18.85
C ASP B 271 -1.95 8.36 17.70
N ALA B 272 -2.81 9.37 17.95
CA ALA B 272 -3.78 9.90 16.97
C ALA B 272 -3.74 11.42 16.96
N LYS B 273 -3.70 12.03 15.77
CA LYS B 273 -3.75 13.49 15.67
C LYS B 273 -4.76 13.97 14.64
N ALA B 274 -5.57 14.96 15.06
CA ALA B 274 -6.49 15.66 14.21
C ALA B 274 -5.66 16.68 13.44
N ARG B 275 -5.89 16.76 12.13
CA ARG B 275 -5.27 17.76 11.27
C ARG B 275 -5.83 19.15 11.55
N SER B 276 -7.09 19.20 12.04
CA SER B 276 -7.75 20.44 12.47
CA SER B 276 -7.77 20.44 12.43
C SER B 276 -9.07 20.13 13.14
N PHE B 277 -9.52 21.07 13.98
CA PHE B 277 -10.81 20.94 14.68
C PHE B 277 -11.88 21.93 14.19
N ARG B 278 -11.50 22.87 13.31
CA ARG B 278 -12.38 24.03 12.97
C ARG B 278 -13.55 23.86 12.00
N LEU B 279 -13.56 22.78 11.21
CA LEU B 279 -14.63 22.54 10.22
C LEU B 279 -15.77 21.76 10.88
N ASN B 280 -16.50 22.44 11.76
CA ASN B 280 -17.61 21.81 12.53
C ASN B 280 -18.94 21.71 11.79
N SER B 281 -19.87 20.97 12.38
CA SER B 281 -21.23 20.84 11.91
C SER B 281 -22.02 22.12 12.18
N SER B 282 -23.14 22.28 11.47
CA SER B 282 -24.00 23.47 11.58
C SER B 282 -25.41 23.07 11.90
N ARG B 283 -26.14 24.05 12.47
CA ARG B 283 -27.50 23.91 13.00
C ARG B 283 -28.25 25.26 13.02
N ILE B 284 -29.56 25.26 12.73
CA ILE B 284 -30.42 26.45 12.88
C ILE B 284 -31.75 25.95 13.45
N ASP B 285 -32.25 26.63 14.48
CA ASP B 285 -33.50 26.24 15.14
C ASP B 285 -34.69 26.36 14.17
N GLU B 286 -35.56 25.35 14.19
CA GLU B 286 -36.70 25.27 13.31
C GLU B 286 -37.71 26.42 13.44
N LYS B 287 -37.76 27.07 14.60
CA LYS B 287 -38.63 28.21 14.80
C LYS B 287 -38.01 29.52 14.31
N HIS B 288 -36.76 29.47 13.84
CA HIS B 288 -36.12 30.65 13.25
C HIS B 288 -37.06 31.21 12.15
N PRO B 289 -37.32 32.53 12.18
CA PRO B 289 -38.22 33.18 11.23
C PRO B 289 -38.05 32.78 9.74
N PHE B 290 -36.82 32.57 9.31
CA PHE B 290 -36.52 32.20 7.94
C PHE B 290 -36.95 30.75 7.65
N VAL B 291 -36.65 29.85 8.57
CA VAL B 291 -37.02 28.46 8.39
C VAL B 291 -38.54 28.37 8.35
N GLN B 292 -39.18 29.17 9.21
CA GLN B 292 -40.63 29.21 9.32
C GLN B 292 -41.34 29.74 8.08
N LYS B 293 -40.82 30.79 7.46
CA LYS B 293 -41.41 31.31 6.25
C LYS B 293 -41.16 30.32 5.09
N ALA B 294 -40.03 29.63 5.10
CA ALA B 294 -39.69 28.64 4.06
C ALA B 294 -40.73 27.49 4.02
N VAL B 295 -41.05 26.97 5.22
CA VAL B 295 -42.01 25.89 5.44
C VAL B 295 -43.43 26.33 5.05
N LYS B 296 -43.82 27.56 5.43
CA LYS B 296 -45.12 28.13 5.04
C LYS B 296 -45.24 28.30 3.51
N GLY B 298 -44.09 25.98 1.42
CA GLY B 298 -43.99 24.64 0.85
C GLY B 298 -42.61 24.05 0.66
N ARG B 299 -41.59 24.69 1.20
CA ARG B 299 -40.23 24.15 1.11
C ARG B 299 -40.09 23.08 2.22
N ILE B 300 -39.29 22.04 1.96
CA ILE B 300 -39.07 20.93 2.90
C ILE B 300 -37.66 20.98 3.49
N PRO B 301 -37.51 21.41 4.76
CA PRO B 301 -36.15 21.42 5.33
C PRO B 301 -35.53 20.02 5.43
N PHE B 302 -34.22 19.95 5.21
CA PHE B 302 -33.50 18.69 5.30
C PHE B 302 -32.09 18.87 5.94
N GLY B 303 -31.35 17.78 6.06
CA GLY B 303 -29.96 17.82 6.55
C GLY B 303 -28.98 17.43 5.44
N SER B 304 -27.94 18.25 5.25
CA SER B 304 -26.91 18.01 4.22
C SER B 304 -25.62 17.30 4.72
N PRO B 305 -25.16 16.26 4.01
CA PRO B 305 -23.91 15.55 4.34
C PRO B 305 -22.63 16.23 3.77
N THR B 306 -22.82 17.19 2.85
CA THR B 306 -21.73 17.87 2.18
C THR B 306 -21.25 19.14 2.89
N LEU B 307 -19.93 19.24 3.12
CA LEU B 307 -19.30 20.40 3.78
C LEU B 307 -19.38 21.67 2.91
N SER B 308 -19.51 22.84 3.55
CA SER B 308 -19.60 24.15 2.88
C SER B 308 -18.93 25.23 3.73
N ASP B 309 -19.06 26.51 3.32
CA ASP B 309 -18.54 27.63 4.10
C ASP B 309 -19.35 27.82 5.40
N GLN B 310 -20.44 27.10 5.59
CA GLN B 310 -21.17 27.16 6.83
C GLN B 310 -20.29 26.68 8.01
N ALA B 311 -19.39 25.72 7.73
CA ALA B 311 -18.47 25.12 8.75
C ALA B 311 -17.51 26.11 9.44
N LEU B 312 -17.28 27.25 8.80
CA LEU B 312 -16.43 28.30 9.34
C LEU B 312 -17.27 29.45 9.94
N SER B 314 -19.91 30.61 12.91
CA SER B 314 -20.42 30.27 14.26
C SER B 314 -21.83 30.82 14.50
N PHE B 315 -22.23 31.80 13.71
CA PHE B 315 -23.57 32.36 13.78
C PHE B 315 -24.55 31.44 13.02
N ALA B 316 -25.84 31.64 13.22
CA ALA B 316 -26.88 30.80 12.58
C ALA B 316 -26.88 30.98 11.06
N SER B 317 -27.08 29.88 10.35
CA SER B 317 -27.09 29.92 8.89
C SER B 317 -27.96 28.81 8.27
N VAL B 318 -28.26 28.97 6.98
CA VAL B 318 -29.04 28.00 6.21
C VAL B 318 -28.39 27.88 4.84
N LYS B 319 -28.31 26.65 4.31
CA LYS B 319 -27.73 26.39 2.98
C LYS B 319 -28.87 26.13 1.99
N ILE B 320 -28.96 27.01 0.98
CA ILE B 320 -30.04 26.97 0.00
C ILE B 320 -29.62 27.72 -1.28
N GLY B 321 -29.59 27.00 -2.39
CA GLY B 321 -29.20 27.59 -3.66
C GLY B 321 -29.68 26.75 -4.79
N PRO B 322 -29.59 27.28 -6.03
CA PRO B 322 -30.01 26.51 -7.21
C PRO B 322 -29.02 25.44 -7.71
N GLY B 323 -29.57 24.45 -8.41
CA GLY B 323 -28.79 23.41 -9.01
C GLY B 323 -28.94 22.14 -8.23
N ARG B 324 -28.23 21.10 -8.65
CA ARG B 324 -28.32 19.82 -7.98
C ARG B 324 -26.93 19.27 -7.59
N SER B 325 -26.83 18.69 -6.38
CA SER B 325 -25.63 18.01 -5.85
C SER B 325 -24.92 17.07 -6.82
N SER B 326 -25.71 16.24 -7.51
CA SER B 326 -25.19 15.21 -8.42
C SER B 326 -24.39 15.74 -9.61
N ARG B 327 -24.60 17.00 -9.99
CA ARG B 327 -23.86 17.60 -11.11
C ARG B 327 -22.50 18.21 -10.70
N SER B 328 -22.32 18.40 -9.40
CA SER B 328 -21.12 19.03 -8.90
C SER B 328 -19.91 18.13 -9.05
N HIS B 329 -18.77 18.74 -9.40
CA HIS B 329 -17.47 18.02 -9.54
C HIS B 329 -17.61 16.90 -10.57
N THR B 330 -18.26 17.19 -11.70
CA THR B 330 -18.61 16.17 -12.66
C THR B 330 -18.31 16.62 -14.10
N ALA B 331 -18.17 15.66 -15.01
CA ALA B 331 -17.95 15.97 -16.42
C ALA B 331 -19.24 16.55 -17.02
N GLU B 332 -19.10 17.62 -17.80
CA GLU B 332 -20.23 18.31 -18.46
C GLU B 332 -21.27 18.84 -17.47
N GLU B 333 -20.76 19.52 -16.43
CA GLU B 333 -21.56 20.15 -15.40
C GLU B 333 -22.41 21.22 -16.03
N TYR B 334 -23.63 21.42 -15.54
CA TYR B 334 -24.52 22.45 -16.08
C TYR B 334 -25.56 22.92 -15.03
N ILE B 335 -26.15 24.08 -15.32
CA ILE B 335 -27.26 24.65 -14.53
C ILE B 335 -28.32 25.01 -15.55
N LEU B 337 -31.28 27.30 -17.07
CA LEU B 337 -31.67 28.72 -17.06
C LEU B 337 -32.92 28.88 -16.17
N LYS B 338 -33.82 27.90 -16.21
CA LYS B 338 -35.05 27.92 -15.42
C LYS B 338 -34.81 27.80 -13.91
N GLU B 339 -33.70 27.20 -13.50
CA GLU B 339 -33.37 27.05 -12.07
C GLU B 339 -32.90 28.36 -11.46
N ILE B 340 -32.15 29.15 -12.23
CA ILE B 340 -31.72 30.51 -11.86
C ILE B 340 -32.91 31.49 -11.78
N GLU B 341 -33.86 31.32 -12.69
CA GLU B 341 -35.05 32.16 -12.70
C GLU B 341 -35.85 31.87 -11.45
N GLU B 342 -36.06 30.58 -11.20
CA GLU B 342 -36.73 30.11 -10.00
C GLU B 342 -36.00 30.52 -8.70
N ALA B 343 -34.68 30.39 -8.67
CA ALA B 343 -33.91 30.77 -7.45
C ALA B 343 -34.09 32.24 -7.05
N ILE B 344 -34.00 33.15 -8.02
CA ILE B 344 -34.11 34.58 -7.77
C ILE B 344 -35.44 34.89 -7.12
N GLY B 345 -36.53 34.44 -7.76
CA GLY B 345 -37.88 34.64 -7.24
C GLY B 345 -38.12 34.05 -5.85
N ILE B 346 -37.56 32.86 -5.58
CA ILE B 346 -37.71 32.22 -4.26
C ILE B 346 -36.92 32.99 -3.19
N TYR B 347 -35.71 33.41 -3.53
CA TYR B 347 -34.90 34.21 -2.63
C TYR B 347 -35.65 35.51 -2.27
N LEU B 348 -36.19 36.18 -3.27
CA LEU B 348 -36.94 37.44 -3.08
C LEU B 348 -38.15 37.29 -2.13
N ASP B 349 -38.96 36.23 -2.31
CA ASP B 349 -40.11 35.94 -1.43
C ASP B 349 -39.77 35.65 0.06
N LEU B 350 -38.67 34.93 0.27
CA LEU B 350 -38.19 34.60 1.61
C LEU B 350 -37.71 35.85 2.34
N LEU B 351 -36.86 36.64 1.67
CA LEU B 351 -36.25 37.83 2.28
C LEU B 351 -37.12 39.07 2.41
N ASP B 352 -37.91 39.39 1.38
CA ASP B 352 -38.75 40.59 1.37
C ASP B 352 -39.75 40.59 2.53
N GLY B 353 -39.61 41.58 3.43
CA GLY B 353 -40.46 41.73 4.61
C GLY B 353 -40.13 40.75 5.74
N LEU B 354 -38.90 40.23 5.76
CA LEU B 354 -38.49 39.29 6.80
C LEU B 354 -38.06 40.03 8.10
N LYS B 355 -38.61 39.62 9.23
CA LYS B 355 -38.26 40.25 10.52
C LYS B 355 -37.57 39.25 11.47
N LEU B 356 -36.31 39.54 11.79
CA LEU B 356 -35.55 38.71 12.72
C LEU B 356 -35.81 39.09 14.20
#